data_3H9P
#
_entry.id   3H9P
#
_cell.length_a   135.806
_cell.length_b   77.725
_cell.length_c   66.654
_cell.angle_alpha   90.00
_cell.angle_beta   97.99
_cell.angle_gamma   90.00
#
_symmetry.space_group_name_H-M   'C 1 2 1'
#
loop_
_entity.id
_entity.type
_entity.pdbx_description
1 polymer 'putative triphosphoribosyl-dephospho-coA synthase'
2 non-polymer 'CHLORIDE ION'
3 non-polymer GLYCEROL
4 non-polymer 'TETRAETHYLENE GLYCOL'
5 water water
#
_entity_poly.entity_id   1
_entity_poly.type   'polypeptide(L)'
_entity_poly.pdbx_seq_one_letter_code
;SNAREHDFDDLKFEHFLASAAGAFPAFLEVAEKRIIGEGVLRAVKES(MSE)RWHRAENVHFGAFLLLVPLISSWDAGG
(MSE)VDIAEAARNRLRRTDFRDSLSVLEAFRLSNARVVEAGELNLKDRKTEEEIAQKKINLYEW(MSE)K(MSE)APEE
NLIARELVDGFKISIEGAKFLLSFGNSGKAVVELYYHLLSKFPDPLVIAK(MSE)GREYAEKITEWAEKARTEEERKELD
EKLLKDGANPGTIADLTASSIFLALAEGWR
;
_entity_poly.pdbx_strand_id   A,B,C
#
# COMPACT_ATOMS: atom_id res chain seq x y z
N LYS A 12 -15.01 -14.08 9.98
CA LYS A 12 -13.95 -13.19 9.44
C LYS A 12 -12.56 -13.80 9.65
N PHE A 13 -12.55 -15.00 10.22
CA PHE A 13 -11.32 -15.76 10.45
C PHE A 13 -10.80 -16.23 9.10
N GLU A 14 -11.74 -16.64 8.24
CA GLU A 14 -11.44 -17.14 6.91
C GLU A 14 -10.58 -16.17 6.12
N HIS A 15 -11.11 -14.97 5.90
CA HIS A 15 -10.43 -13.93 5.13
C HIS A 15 -9.02 -13.74 5.65
N PHE A 16 -8.92 -13.67 6.97
CA PHE A 16 -7.64 -13.46 7.64
C PHE A 16 -6.67 -14.60 7.37
N LEU A 17 -7.17 -15.83 7.42
CA LEU A 17 -6.37 -17.04 7.25
C LEU A 17 -5.84 -17.20 5.82
N ALA A 18 -6.69 -16.94 4.83
CA ALA A 18 -6.26 -16.96 3.43
C ALA A 18 -5.15 -15.94 3.13
N SER A 19 -5.40 -14.68 3.51
CA SER A 19 -4.50 -13.58 3.20
C SER A 19 -3.12 -13.74 3.86
N ALA A 20 -3.11 -14.18 5.11
CA ALA A 20 -1.83 -14.43 5.74
C ALA A 20 -1.11 -15.59 5.04
N ALA A 21 -1.90 -16.55 4.52
CA ALA A 21 -1.37 -17.74 3.86
C ALA A 21 -0.78 -17.47 2.47
N GLY A 22 -1.22 -16.38 1.84
CA GLY A 22 -0.54 -15.89 0.66
C GLY A 22 0.89 -15.50 0.99
N ALA A 23 1.19 -15.24 2.28
CA ALA A 23 2.55 -14.85 2.69
C ALA A 23 3.45 -16.00 3.14
N PHE A 24 2.91 -17.21 3.06
CA PHE A 24 3.67 -18.34 3.53
C PHE A 24 5.10 -18.47 2.92
N PRO A 25 5.24 -18.29 1.59
CA PRO A 25 6.61 -18.30 1.05
C PRO A 25 7.56 -17.27 1.69
N ALA A 26 7.07 -16.05 1.97
CA ALA A 26 7.83 -15.04 2.69
C ALA A 26 8.22 -15.54 4.08
N PHE A 27 7.26 -16.19 4.76
CA PHE A 27 7.53 -16.72 6.09
C PHE A 27 8.62 -17.78 6.07
N LEU A 28 8.61 -18.66 5.07
CA LEU A 28 9.69 -19.66 4.92
C LEU A 28 11.05 -18.98 4.69
N GLU A 29 11.02 -17.91 3.90
CA GLU A 29 12.22 -17.11 3.72
C GLU A 29 12.77 -16.50 5.05
N VAL A 30 11.87 -15.92 5.86
CA VAL A 30 12.21 -15.41 7.17
C VAL A 30 12.82 -16.48 8.07
N ALA A 31 12.18 -17.67 8.10
CA ALA A 31 12.72 -18.78 8.90
C ALA A 31 14.15 -19.19 8.50
N GLU A 32 14.45 -19.08 7.20
CA GLU A 32 15.78 -19.34 6.64
C GLU A 32 16.79 -18.19 6.84
N LYS A 33 16.43 -16.98 6.43
CA LYS A 33 17.39 -15.86 6.48
C LYS A 33 17.39 -15.03 7.79
N ARG A 34 16.25 -14.98 8.47
CA ARG A 34 16.12 -14.29 9.78
C ARG A 34 16.17 -12.76 9.59
N ILE A 35 15.69 -12.32 8.45
CA ILE A 35 15.76 -10.95 7.98
C ILE A 35 14.47 -10.24 8.37
N ILE A 36 14.45 -9.39 9.39
CA ILE A 36 13.15 -8.88 9.85
C ILE A 36 12.47 -7.92 8.85
N GLY A 37 13.13 -6.80 8.56
CA GLY A 37 12.66 -5.75 7.68
C GLY A 37 12.22 -6.27 6.32
N GLU A 38 13.17 -6.88 5.62
CA GLU A 38 12.91 -7.51 4.33
C GLU A 38 11.73 -8.44 4.40
N GLY A 39 11.68 -9.22 5.48
CA GLY A 39 10.60 -10.17 5.72
C GLY A 39 9.22 -9.54 5.76
N VAL A 40 9.10 -8.45 6.51
CA VAL A 40 7.81 -7.75 6.65
C VAL A 40 7.45 -7.22 5.28
N LEU A 41 8.42 -6.62 4.60
CA LEU A 41 8.20 -6.05 3.28
C LEU A 41 7.77 -7.06 2.19
N ARG A 42 8.43 -8.22 2.18
CA ARG A 42 8.06 -9.33 1.30
C ARG A 42 6.68 -9.86 1.65
N ALA A 43 6.44 -10.09 2.93
CA ALA A 43 5.13 -10.58 3.35
C ALA A 43 4.06 -9.65 2.83
N VAL A 44 4.29 -8.34 2.96
CA VAL A 44 3.28 -7.37 2.56
C VAL A 44 3.09 -7.37 1.06
N LYS A 45 4.20 -7.32 0.31
CA LYS A 45 4.07 -7.35 -1.14
C LYS A 45 3.38 -8.64 -1.57
N GLU A 46 3.71 -9.75 -0.90
CA GLU A 46 3.22 -11.04 -1.36
C GLU A 46 1.73 -11.22 -1.23
N SER A 47 1.24 -11.08 0.01
CA SER A 47 -0.15 -11.34 0.28
C SER A 47 -1.06 -10.24 -0.28
N ARG A 49 -0.40 -9.44 -3.69
CA ARG A 49 -0.24 -9.75 -5.10
C ARG A 49 -1.58 -9.63 -5.78
N TRP A 50 -2.59 -10.27 -5.19
CA TRP A 50 -3.88 -10.38 -5.83
C TRP A 50 -5.03 -9.86 -4.99
N HIS A 51 -4.76 -9.10 -3.94
CA HIS A 51 -5.89 -8.54 -3.17
C HIS A 51 -5.75 -7.08 -2.73
N GLU A 54 -8.22 -6.08 -0.60
CA GLU A 54 -7.52 -4.87 -0.13
C GLU A 54 -7.33 -4.82 1.41
N ASN A 55 -7.35 -5.98 2.06
CA ASN A 55 -7.23 -6.05 3.54
C ASN A 55 -5.82 -6.01 4.16
N VAL A 56 -4.82 -6.64 3.52
CA VAL A 56 -3.41 -6.53 3.93
C VAL A 56 -3.04 -7.05 5.35
N HIS A 57 -3.45 -6.31 6.38
CA HIS A 57 -3.10 -6.62 7.80
C HIS A 57 -1.60 -6.49 8.03
N PHE A 58 -1.10 -5.27 7.80
CA PHE A 58 0.32 -4.95 7.92
C PHE A 58 0.84 -5.30 9.32
N GLY A 59 0.02 -5.03 10.34
CA GLY A 59 0.38 -5.20 11.74
C GLY A 59 0.58 -6.65 12.08
N ALA A 60 -0.27 -7.51 11.52
CA ALA A 60 -0.10 -8.95 11.72
C ALA A 60 1.32 -9.36 11.30
N PHE A 61 1.77 -8.91 10.12
CA PHE A 61 3.15 -9.23 9.62
C PHE A 61 4.28 -8.65 10.42
N LEU A 62 4.06 -7.42 10.90
CA LEU A 62 5.08 -6.78 11.73
C LEU A 62 5.20 -7.52 13.08
N LEU A 63 4.10 -8.09 13.54
CA LEU A 63 4.10 -8.92 14.74
C LEU A 63 4.70 -10.30 14.45
N LEU A 64 4.28 -10.91 13.35
CA LEU A 64 4.66 -12.33 13.11
C LEU A 64 6.05 -12.55 12.61
N VAL A 65 6.53 -11.68 11.73
CA VAL A 65 7.85 -11.89 11.17
C VAL A 65 8.96 -12.01 12.24
N PRO A 66 8.95 -11.15 13.26
CA PRO A 66 10.02 -11.35 14.27
C PRO A 66 9.92 -12.67 15.04
N LEU A 67 8.68 -13.15 15.30
CA LEU A 67 8.51 -14.44 15.95
C LEU A 67 8.92 -15.56 15.01
N ILE A 68 8.57 -15.46 13.73
CA ILE A 68 8.96 -16.47 12.78
C ILE A 68 10.48 -16.54 12.58
N SER A 69 11.15 -15.41 12.73
CA SER A 69 12.60 -15.36 12.56
C SER A 69 13.27 -16.13 13.66
N SER A 70 12.54 -16.36 14.75
CA SER A 70 13.03 -17.14 15.90
C SER A 70 12.24 -18.45 16.10
N TRP A 71 11.67 -18.96 15.03
CA TRP A 71 10.83 -20.19 15.03
C TRP A 71 11.38 -21.41 15.77
N ASP A 72 12.71 -21.49 15.90
CA ASP A 72 13.37 -22.67 16.43
C ASP A 72 13.94 -22.43 17.84
N ALA A 73 13.65 -21.29 18.43
CA ALA A 73 14.10 -20.99 19.82
C ALA A 73 13.58 -21.92 20.91
N GLY A 74 12.43 -22.57 20.72
CA GLY A 74 11.88 -23.48 21.75
C GLY A 74 10.38 -23.30 21.88
N GLY A 75 9.86 -23.21 23.10
CA GLY A 75 8.45 -22.92 23.28
C GLY A 75 8.17 -21.43 23.12
N VAL A 77 7.66 -18.82 25.26
CA VAL A 77 8.48 -17.84 25.96
C VAL A 77 9.86 -17.72 25.35
N ASP A 78 10.43 -18.83 24.92
CA ASP A 78 11.67 -18.82 24.16
C ASP A 78 11.60 -18.07 22.85
N ILE A 79 10.48 -18.13 22.15
CA ILE A 79 10.40 -17.51 20.81
C ILE A 79 10.38 -16.01 21.01
N ALA A 80 9.51 -15.60 21.93
CA ALA A 80 9.28 -14.18 22.19
C ALA A 80 10.59 -13.47 22.60
N GLU A 81 11.34 -14.08 23.55
CA GLU A 81 12.65 -13.58 24.00
C GLU A 81 13.68 -13.50 22.88
N ALA A 82 13.76 -14.53 22.05
CA ALA A 82 14.73 -14.57 20.96
C ALA A 82 14.35 -13.56 19.90
N ALA A 83 13.05 -13.39 19.69
CA ALA A 83 12.53 -12.38 18.73
C ALA A 83 12.86 -10.96 19.22
N ARG A 84 12.67 -10.70 20.50
CA ARG A 84 13.08 -9.41 21.05
C ARG A 84 14.60 -9.20 20.86
N ASN A 85 15.38 -10.23 21.14
CA ASN A 85 16.82 -10.18 20.94
C ASN A 85 17.22 -9.94 19.47
N ARG A 86 16.60 -10.67 18.54
CA ARG A 86 16.82 -10.38 17.14
C ARG A 86 16.39 -8.96 16.76
N LEU A 87 15.31 -8.47 17.37
CA LEU A 87 14.84 -7.09 17.08
C LEU A 87 15.86 -6.03 17.48
N ARG A 88 16.49 -6.25 18.63
CA ARG A 88 17.54 -5.39 19.13
C ARG A 88 18.78 -5.45 18.22
N ARG A 89 19.00 -6.57 17.52
CA ARG A 89 20.20 -6.65 16.68
C ARG A 89 19.91 -6.25 15.23
N THR A 90 18.72 -5.72 14.97
CA THR A 90 18.39 -5.25 13.62
C THR A 90 19.20 -3.99 13.37
N ASP A 91 19.16 -3.45 12.16
CA ASP A 91 19.77 -2.13 11.91
C ASP A 91 18.75 -1.19 11.22
N PHE A 92 19.21 -0.03 10.76
CA PHE A 92 18.32 1.03 10.25
C PHE A 92 17.65 0.62 8.96
N ARG A 93 18.31 -0.25 8.20
CA ARG A 93 17.72 -0.76 6.99
C ARG A 93 16.46 -1.57 7.28
N ASP A 94 16.40 -2.22 8.43
CA ASP A 94 15.16 -2.93 8.80
C ASP A 94 14.01 -1.97 9.04
N SER A 95 14.31 -0.86 9.70
CA SER A 95 13.36 0.24 9.87
C SER A 95 12.84 0.79 8.57
N LEU A 96 13.75 1.00 7.62
CA LEU A 96 13.45 1.55 6.31
C LEU A 96 12.54 0.59 5.51
N SER A 97 12.89 -0.70 5.49
CA SER A 97 12.02 -1.72 4.92
C SER A 97 10.65 -1.73 5.60
N VAL A 98 10.65 -1.67 6.93
CA VAL A 98 9.37 -1.69 7.58
C VAL A 98 8.52 -0.48 7.18
N LEU A 99 9.15 0.70 7.14
CA LEU A 99 8.51 1.94 6.72
C LEU A 99 7.96 1.89 5.28
N GLU A 100 8.78 1.41 4.35
CA GLU A 100 8.28 1.13 3.01
C GLU A 100 7.12 0.12 2.96
N ALA A 101 7.16 -0.90 3.82
CA ALA A 101 6.06 -1.88 3.89
C ALA A 101 4.75 -1.23 4.35
N PHE A 102 4.89 -0.29 5.28
CA PHE A 102 3.79 0.49 5.82
C PHE A 102 3.15 1.35 4.75
N ARG A 103 3.99 2.08 4.01
CA ARG A 103 3.46 2.96 2.97
C ARG A 103 2.76 2.15 1.87
N LEU A 104 3.26 0.94 1.57
CA LEU A 104 2.64 0.11 0.57
C LEU A 104 1.33 -0.48 1.12
N SER A 105 1.33 -0.78 2.41
CA SER A 105 0.14 -1.24 3.13
C SER A 105 -1.00 -0.26 2.92
N ASN A 106 -0.71 1.03 3.12
CA ASN A 106 -1.71 2.08 2.96
C ASN A 106 -2.01 2.39 1.49
N LEU A 117 7.24 13.85 1.43
CA LEU A 117 8.54 14.15 2.05
C LEU A 117 8.46 14.15 3.61
N LYS A 118 7.34 13.66 4.15
CA LYS A 118 7.27 13.37 5.58
C LYS A 118 7.98 12.02 5.76
N ASP A 119 7.52 11.02 4.98
CA ASP A 119 8.22 9.73 4.84
C ASP A 119 9.69 9.93 4.48
N ARG A 120 9.94 10.88 3.58
CA ARG A 120 11.30 11.23 3.14
C ARG A 120 12.18 11.75 4.28
N LYS A 121 11.62 12.63 5.09
CA LYS A 121 12.31 13.19 6.24
C LYS A 121 12.50 12.18 7.38
N THR A 122 11.50 11.34 7.57
CA THR A 122 11.62 10.27 8.53
C THR A 122 12.70 9.29 8.10
N GLU A 123 12.62 8.86 6.83
CA GLU A 123 13.59 7.92 6.28
C GLU A 123 14.99 8.49 6.44
N GLU A 124 15.13 9.77 6.16
CA GLU A 124 16.48 10.33 6.19
C GLU A 124 17.03 10.43 7.63
N GLU A 125 16.16 10.62 8.63
CA GLU A 125 16.64 10.63 10.01
C GLU A 125 16.87 9.25 10.58
N ILE A 126 16.02 8.31 10.19
CA ILE A 126 16.31 6.91 10.46
C ILE A 126 17.71 6.54 9.98
N ALA A 127 17.97 6.77 8.69
CA ALA A 127 19.30 6.59 8.12
C ALA A 127 20.40 7.29 8.94
N GLN A 128 20.31 8.62 9.05
CA GLN A 128 21.32 9.45 9.71
C GLN A 128 21.68 9.00 11.12
N LYS A 129 20.66 8.74 11.95
CA LYS A 129 20.87 8.39 13.35
C LYS A 129 20.99 6.89 13.57
N LYS A 130 20.96 6.15 12.46
CA LYS A 130 21.07 4.69 12.47
C LYS A 130 20.10 4.09 13.48
N ILE A 131 18.82 4.38 13.25
CA ILE A 131 17.79 3.95 14.18
C ILE A 131 17.23 2.62 13.75
N ASN A 132 17.59 1.59 14.50
CA ASN A 132 17.15 0.27 14.17
C ASN A 132 15.65 0.08 14.50
N LEU A 133 15.10 -1.07 14.17
CA LEU A 133 13.66 -1.20 14.23
C LEU A 133 13.22 -1.21 15.69
N TYR A 134 14.10 -1.70 16.55
CA TYR A 134 13.81 -1.79 17.98
C TYR A 134 13.74 -0.40 18.56
N GLU A 135 14.79 0.39 18.29
CA GLU A 135 14.92 1.76 18.80
C GLU A 135 13.79 2.63 18.28
N TRP A 136 13.47 2.48 17.02
CA TRP A 136 12.35 3.19 16.43
C TRP A 136 11.10 2.92 17.25
N LYS A 138 10.83 1.90 20.24
CA LYS A 138 10.87 2.50 21.57
C LYS A 138 10.43 3.97 21.55
N ALA A 140 7.70 5.10 19.79
CA ALA A 140 6.29 5.18 19.47
C ALA A 140 5.44 5.62 20.68
N PRO A 141 4.25 6.18 20.42
CA PRO A 141 3.40 6.54 21.57
C PRO A 141 2.89 5.29 22.28
N GLU A 142 2.45 5.43 23.53
CA GLU A 142 2.01 4.30 24.37
C GLU A 142 0.82 3.52 23.81
N GLU A 143 -0.07 4.21 23.09
CA GLU A 143 -1.25 3.59 22.49
C GLU A 143 -0.93 2.57 21.41
N ASN A 144 0.29 2.67 20.88
CA ASN A 144 0.74 1.78 19.81
C ASN A 144 1.08 0.37 20.35
N LEU A 145 0.10 -0.51 20.28
CA LEU A 145 0.21 -1.88 20.83
C LEU A 145 1.26 -2.76 20.16
N ILE A 146 1.42 -2.64 18.84
CA ILE A 146 2.36 -3.53 18.14
C ILE A 146 3.80 -3.13 18.49
N ALA A 147 4.02 -1.81 18.58
CA ALA A 147 5.35 -1.22 18.92
C ALA A 147 5.85 -1.72 20.28
N ARG A 148 4.92 -1.65 21.21
CA ARG A 148 5.06 -2.12 22.58
C ARG A 148 5.32 -3.64 22.70
N GLU A 149 4.66 -4.47 21.90
CA GLU A 149 5.04 -5.88 21.72
C GLU A 149 6.47 -6.05 21.16
N LEU A 150 6.85 -5.18 20.24
CA LEU A 150 8.14 -5.35 19.62
C LEU A 150 9.22 -4.98 20.62
N VAL A 151 8.88 -4.14 21.59
CA VAL A 151 9.85 -3.65 22.54
C VAL A 151 9.93 -4.43 23.88
N ASP A 152 8.82 -5.03 24.33
CA ASP A 152 8.77 -5.57 25.67
C ASP A 152 8.67 -7.07 25.66
N GLY A 153 9.08 -7.72 24.59
CA GLY A 153 9.01 -9.17 24.54
C GLY A 153 7.65 -9.77 24.21
N PHE A 154 6.78 -9.05 23.53
CA PHE A 154 5.53 -9.66 23.09
C PHE A 154 4.60 -10.07 24.25
N LYS A 155 4.49 -9.23 25.26
CA LYS A 155 3.67 -9.55 26.44
C LYS A 155 2.17 -9.79 26.15
N ILE A 156 1.57 -9.00 25.29
CA ILE A 156 0.17 -9.27 24.92
C ILE A 156 -0.01 -10.62 24.19
N SER A 157 0.88 -10.95 23.28
CA SER A 157 0.78 -12.18 22.53
C SER A 157 0.87 -13.43 23.41
N ILE A 158 1.81 -13.39 24.35
CA ILE A 158 2.02 -14.45 25.35
C ILE A 158 0.79 -14.65 26.25
N GLU A 159 0.23 -13.55 26.73
CA GLU A 159 -0.99 -13.57 27.54
C GLU A 159 -2.14 -14.13 26.71
N GLY A 160 -2.24 -13.73 25.46
CA GLY A 160 -3.22 -14.31 24.55
C GLY A 160 -2.96 -15.80 24.33
N ALA A 161 -1.68 -16.20 24.24
CA ALA A 161 -1.37 -17.60 24.01
C ALA A 161 -1.82 -18.46 25.22
N LYS A 162 -1.48 -17.99 26.41
CA LYS A 162 -1.93 -18.62 27.64
C LYS A 162 -3.47 -18.71 27.71
N PHE A 163 -4.17 -17.67 27.23
CA PHE A 163 -5.62 -17.70 27.22
C PHE A 163 -6.13 -18.89 26.38
N LEU A 164 -5.62 -18.99 25.15
CA LEU A 164 -5.96 -20.07 24.21
C LEU A 164 -5.65 -21.44 24.77
N LEU A 165 -4.43 -21.57 25.28
CA LEU A 165 -3.98 -22.82 25.87
C LEU A 165 -4.91 -23.28 27.00
N SER A 166 -5.42 -22.38 27.83
CA SER A 166 -6.34 -22.86 28.89
C SER A 166 -7.68 -23.28 28.33
N PHE A 167 -7.93 -22.91 27.08
CA PHE A 167 -9.21 -23.20 26.44
C PHE A 167 -9.25 -24.57 25.78
N GLY A 168 -8.34 -24.84 24.85
CA GLY A 168 -8.45 -26.02 24.03
C GLY A 168 -8.40 -25.63 22.56
N ASN A 169 -7.86 -26.52 21.73
CA ASN A 169 -7.76 -26.21 20.32
C ASN A 169 -9.14 -26.17 19.70
N SER A 170 -9.61 -24.95 19.42
CA SER A 170 -10.93 -24.77 18.81
C SER A 170 -11.02 -23.38 18.21
N GLY A 171 -11.89 -23.21 17.23
CA GLY A 171 -12.21 -21.87 16.73
C GLY A 171 -12.86 -21.02 17.81
N LYS A 172 -13.72 -21.64 18.62
CA LYS A 172 -14.33 -21.05 19.83
C LYS A 172 -13.35 -20.31 20.71
N ALA A 173 -12.25 -20.97 21.05
CA ALA A 173 -11.20 -20.33 21.85
C ALA A 173 -10.69 -19.08 21.15
N VAL A 174 -10.52 -19.13 19.83
CA VAL A 174 -9.96 -18.00 19.08
C VAL A 174 -10.91 -16.80 19.15
N VAL A 175 -12.21 -17.08 19.03
CA VAL A 175 -13.24 -16.07 19.20
C VAL A 175 -13.18 -15.51 20.62
N GLU A 176 -13.25 -16.37 21.61
CA GLU A 176 -13.13 -15.88 22.96
C GLU A 176 -11.87 -15.01 23.12
N LEU A 177 -10.74 -15.43 22.56
CA LEU A 177 -9.53 -14.59 22.61
C LEU A 177 -9.79 -13.21 22.03
N TYR A 178 -10.38 -13.17 20.85
CA TYR A 178 -10.59 -11.92 20.15
C TYR A 178 -11.40 -10.94 21.01
N TYR A 179 -12.51 -11.40 21.58
CA TYR A 179 -13.33 -10.48 22.40
C TYR A 179 -12.65 -10.05 23.70
N HIS A 180 -11.89 -10.97 24.30
CA HIS A 180 -11.01 -10.65 25.39
C HIS A 180 -10.06 -9.50 25.04
N LEU A 181 -9.34 -9.61 23.92
CA LEU A 181 -8.39 -8.55 23.56
C LEU A 181 -9.17 -7.26 23.21
N LEU A 182 -10.29 -7.42 22.50
CA LEU A 182 -11.14 -6.29 22.20
C LEU A 182 -11.59 -5.52 23.46
N SER A 183 -11.94 -6.21 24.53
CA SER A 183 -12.33 -5.48 25.77
C SER A 183 -11.19 -4.90 26.61
N LYS A 184 -9.95 -5.13 26.22
CA LYS A 184 -8.85 -4.83 27.11
C LYS A 184 -8.01 -3.69 26.53
N PHE A 185 -7.89 -3.65 25.21
CA PHE A 185 -6.96 -2.70 24.62
C PHE A 185 -7.74 -1.93 23.59
N PRO A 186 -7.82 -0.61 23.76
CA PRO A 186 -8.40 0.28 22.73
C PRO A 186 -7.49 0.16 21.49
N ASP A 187 -8.10 0.01 20.33
CA ASP A 187 -7.36 -0.23 19.09
C ASP A 187 -6.81 1.09 18.54
N PRO A 188 -5.48 1.21 18.47
CA PRO A 188 -4.82 2.39 17.92
C PRO A 188 -5.35 2.79 16.52
N LEU A 189 -5.71 1.81 15.69
CA LEU A 189 -6.29 2.14 14.38
C LEU A 189 -7.65 2.80 14.51
N VAL A 190 -8.47 2.27 15.41
CA VAL A 190 -9.74 2.92 15.72
C VAL A 190 -9.48 4.33 16.32
N ILE A 191 -8.53 4.44 17.26
CA ILE A 191 -8.22 5.73 17.88
C ILE A 191 -7.97 6.77 16.78
N ALA A 192 -7.13 6.40 15.82
CA ALA A 192 -6.70 7.34 14.79
C ALA A 192 -7.83 7.70 13.83
N LYS A 193 -8.76 6.79 13.59
CA LYS A 193 -9.86 7.05 12.65
C LYS A 193 -11.07 7.72 13.33
N GLY A 195 -11.26 8.40 16.90
CA GLY A 195 -10.96 9.15 18.11
C GLY A 195 -10.85 8.27 19.34
N ARG A 196 -10.14 8.80 20.33
CA ARG A 196 -9.85 8.09 21.54
C ARG A 196 -11.11 7.62 22.23
N GLU A 197 -12.10 8.49 22.37
CA GLU A 197 -13.32 8.12 23.09
C GLU A 197 -14.15 7.02 22.40
N TYR A 198 -14.11 6.96 21.07
CA TYR A 198 -14.83 5.90 20.38
C TYR A 198 -14.08 4.56 20.52
N ALA A 199 -12.76 4.59 20.41
CA ALA A 199 -11.95 3.41 20.72
C ALA A 199 -12.18 2.85 22.17
N GLU A 200 -12.21 3.75 23.15
CA GLU A 200 -12.45 3.33 24.55
C GLU A 200 -13.81 2.71 24.67
N LYS A 201 -14.74 3.20 23.86
CA LYS A 201 -16.11 2.76 23.93
C LYS A 201 -16.28 1.34 23.44
N ILE A 202 -15.44 0.93 22.50
CA ILE A 202 -15.40 -0.44 21.97
C ILE A 202 -15.06 -1.40 23.07
N THR A 203 -14.07 -1.06 23.88
CA THR A 203 -13.70 -1.95 24.97
C THR A 203 -14.93 -2.18 25.85
N GLU A 204 -15.70 -1.12 26.12
CA GLU A 204 -16.89 -1.25 26.98
C GLU A 204 -18.01 -2.05 26.33
N TRP A 205 -18.16 -1.88 25.01
CA TRP A 205 -19.19 -2.62 24.28
C TRP A 205 -18.74 -4.05 24.15
N ALA A 206 -17.44 -4.24 23.90
CA ALA A 206 -16.90 -5.60 23.81
C ALA A 206 -17.15 -6.35 25.10
N GLU A 207 -16.91 -5.74 26.26
CA GLU A 207 -17.00 -6.52 27.50
C GLU A 207 -18.44 -6.87 27.82
N LYS A 208 -19.38 -6.22 27.15
CA LYS A 208 -20.76 -6.49 27.40
C LYS A 208 -21.36 -7.29 26.27
N ALA A 209 -20.57 -7.54 25.23
CA ALA A 209 -21.03 -8.40 24.14
C ALA A 209 -20.62 -9.87 24.40
N ARG A 210 -21.57 -10.63 24.96
CA ARG A 210 -21.32 -11.97 25.51
C ARG A 210 -21.98 -13.09 24.69
N THR A 211 -23.22 -12.86 24.25
CA THR A 211 -23.92 -13.82 23.39
C THR A 211 -23.47 -13.64 21.95
N GLU A 212 -23.85 -14.58 21.10
CA GLU A 212 -23.58 -14.50 19.67
C GLU A 212 -24.32 -13.32 19.05
N GLU A 213 -25.57 -13.12 19.48
CA GLU A 213 -26.38 -12.02 18.97
C GLU A 213 -25.76 -10.68 19.33
N GLU A 214 -25.42 -10.51 20.61
CA GLU A 214 -24.76 -9.30 21.07
C GLU A 214 -23.50 -9.03 20.27
N ARG A 215 -22.79 -10.09 19.90
CA ARG A 215 -21.54 -9.95 19.15
C ARG A 215 -21.70 -9.53 17.67
N LYS A 216 -22.78 -9.98 17.03
CA LYS A 216 -23.04 -9.57 15.66
C LYS A 216 -23.47 -8.10 15.63
N GLU A 217 -24.37 -7.73 16.53
CA GLU A 217 -24.75 -6.35 16.74
C GLU A 217 -23.53 -5.48 16.68
N LEU A 218 -22.59 -5.74 17.59
CA LEU A 218 -21.37 -4.97 17.69
C LEU A 218 -20.63 -4.98 16.37
N ASP A 219 -20.45 -6.16 15.78
CA ASP A 219 -19.69 -6.25 14.55
C ASP A 219 -20.31 -5.34 13.53
N GLU A 220 -21.62 -5.39 13.44
CA GLU A 220 -22.36 -4.58 12.48
C GLU A 220 -22.34 -3.08 12.79
N LYS A 221 -22.16 -2.73 14.06
CA LYS A 221 -22.06 -1.31 14.43
C LYS A 221 -20.71 -0.75 13.99
N LEU A 222 -19.66 -1.51 14.31
CA LEU A 222 -18.30 -1.26 13.88
C LEU A 222 -18.19 -1.11 12.35
N LEU A 223 -18.88 -1.98 11.62
CA LEU A 223 -18.97 -1.87 10.17
C LEU A 223 -19.70 -0.62 9.68
N LYS A 224 -20.95 -0.42 10.10
CA LYS A 224 -21.68 0.78 9.68
C LYS A 224 -20.90 2.04 10.05
N ASP A 225 -20.18 2.00 11.18
CA ASP A 225 -19.33 3.11 11.58
C ASP A 225 -18.03 3.26 10.80
N GLY A 226 -17.59 2.20 10.13
CA GLY A 226 -16.29 2.20 9.42
C GLY A 226 -15.12 2.02 10.39
N ALA A 227 -15.41 1.41 11.55
CA ALA A 227 -14.39 1.22 12.58
C ALA A 227 -13.93 -0.24 12.61
N ASN A 228 -12.74 -0.52 12.09
CA ASN A 228 -12.25 -1.89 12.11
C ASN A 228 -11.12 -2.06 13.10
N PRO A 229 -11.28 -2.93 14.10
CA PRO A 229 -10.23 -3.12 15.11
C PRO A 229 -9.11 -4.04 14.64
N GLY A 230 -8.40 -3.62 13.60
CA GLY A 230 -7.35 -4.42 12.97
C GLY A 230 -6.25 -4.93 13.88
N THR A 231 -5.86 -4.12 14.86
CA THR A 231 -4.73 -4.45 15.73
C THR A 231 -5.10 -5.60 16.65
N ILE A 232 -6.37 -5.65 17.05
CA ILE A 232 -6.85 -6.69 17.92
C ILE A 232 -6.77 -8.04 17.21
N ALA A 233 -7.25 -8.07 15.98
CA ALA A 233 -7.10 -9.24 15.14
C ALA A 233 -5.60 -9.56 14.89
N ASP A 234 -4.79 -8.54 14.64
CA ASP A 234 -3.34 -8.73 14.55
C ASP A 234 -2.81 -9.49 15.76
N LEU A 235 -3.18 -9.04 16.98
CA LEU A 235 -2.68 -9.62 18.22
C LEU A 235 -3.27 -11.01 18.45
N THR A 236 -4.43 -11.25 17.89
CA THR A 236 -5.03 -12.56 18.04
C THR A 236 -4.18 -13.57 17.23
N ALA A 237 -3.68 -13.13 16.10
CA ALA A 237 -2.89 -13.97 15.23
C ALA A 237 -1.55 -14.26 15.82
N SER A 238 -0.91 -13.27 16.40
CA SER A 238 0.42 -13.51 16.96
C SER A 238 0.30 -14.46 18.18
N SER A 239 -0.79 -14.31 18.95
CA SER A 239 -1.11 -15.20 20.08
C SER A 239 -1.33 -16.67 19.62
N ILE A 240 -2.03 -16.86 18.50
CA ILE A 240 -2.23 -18.19 17.91
C ILE A 240 -0.88 -18.79 17.57
N PHE A 241 -0.02 -18.01 16.92
CA PHE A 241 1.30 -18.49 16.58
C PHE A 241 2.06 -18.97 17.81
N LEU A 242 2.11 -18.16 18.86
CA LEU A 242 2.77 -18.63 20.10
C LEU A 242 2.13 -19.87 20.69
N ALA A 243 0.80 -19.93 20.72
CA ALA A 243 0.12 -21.09 21.33
C ALA A 243 0.43 -22.39 20.56
N LEU A 244 0.49 -22.25 19.23
CA LEU A 244 0.87 -23.37 18.32
C LEU A 244 2.26 -23.89 18.62
N ALA A 245 3.19 -22.96 18.81
CA ALA A 245 4.55 -23.36 19.06
C ALA A 245 4.66 -23.99 20.42
N GLU A 246 3.85 -23.54 21.37
CA GLU A 246 3.91 -24.07 22.74
C GLU A 246 3.36 -25.51 22.79
N GLY A 247 2.30 -25.75 22.03
CA GLY A 247 1.65 -27.06 21.96
C GLY A 247 0.24 -26.83 22.42
N TRP A 248 -0.67 -26.63 21.49
CA TRP A 248 -2.07 -26.33 21.77
C TRP A 248 -2.92 -27.57 21.40
N ARG A 249 -3.24 -28.38 22.41
CA ARG A 249 -3.82 -29.71 22.18
C ARG A 249 -5.25 -29.65 22.62
N GLU B 14 -8.16 36.70 22.27
CA GLU B 14 -8.37 37.59 23.45
C GLU B 14 -8.12 36.81 24.73
N HIS B 15 -8.87 35.73 24.91
CA HIS B 15 -8.56 34.76 25.95
C HIS B 15 -7.18 34.19 25.66
N PHE B 16 -6.90 33.95 24.38
CA PHE B 16 -5.61 33.42 23.97
C PHE B 16 -4.49 34.44 24.18
N LEU B 17 -4.73 35.71 23.83
CA LEU B 17 -3.77 36.76 24.14
C LEU B 17 -3.48 36.72 25.62
N ALA B 18 -4.51 36.98 26.43
CA ALA B 18 -4.43 36.90 27.89
C ALA B 18 -3.69 35.66 28.38
N SER B 19 -3.99 34.51 27.77
CA SER B 19 -3.32 33.25 28.09
C SER B 19 -1.81 33.24 27.78
N ALA B 20 -1.40 33.87 26.68
CA ALA B 20 0.00 33.83 26.29
C ALA B 20 0.78 34.79 27.18
N ALA B 21 0.25 36.01 27.34
CA ALA B 21 0.90 37.07 28.10
C ALA B 21 1.63 36.63 29.37
N GLY B 22 1.14 35.59 30.04
CA GLY B 22 1.81 35.09 31.24
C GLY B 22 3.22 34.59 30.98
N ALA B 23 3.49 34.22 29.73
CA ALA B 23 4.79 33.67 29.35
C ALA B 23 5.75 34.78 28.94
N PHE B 24 5.26 36.01 28.91
CA PHE B 24 6.04 37.15 28.44
C PHE B 24 7.46 37.17 29.04
N PRO B 25 7.61 37.01 30.37
CA PRO B 25 8.99 37.05 30.87
C PRO B 25 9.85 35.92 30.31
N ALA B 26 9.25 34.75 30.08
CA ALA B 26 9.94 33.66 29.40
C ALA B 26 10.39 34.09 28.00
N PHE B 27 9.52 34.81 27.29
CA PHE B 27 9.88 35.40 25.99
C PHE B 27 11.06 36.33 26.08
N LEU B 28 11.03 37.26 27.05
CA LEU B 28 12.18 38.17 27.26
C LEU B 28 13.44 37.36 27.55
N GLU B 29 13.31 36.35 28.39
CA GLU B 29 14.47 35.54 28.67
C GLU B 29 15.03 34.82 27.43
N VAL B 30 14.18 34.20 26.63
CA VAL B 30 14.65 33.53 25.43
C VAL B 30 15.31 34.49 24.41
N ALA B 31 14.79 35.72 24.34
CA ALA B 31 15.34 36.74 23.43
C ALA B 31 16.79 37.05 23.79
N GLU B 32 17.13 36.92 25.06
CA GLU B 32 18.54 37.13 25.38
C GLU B 32 19.38 35.90 25.46
N LYS B 33 18.80 34.81 25.97
CA LYS B 33 19.54 33.60 26.17
C LYS B 33 19.65 32.69 24.94
N ARG B 34 18.59 32.58 24.13
CA ARG B 34 18.58 31.92 22.82
C ARG B 34 18.63 30.41 22.90
N ILE B 35 18.24 29.83 24.01
CA ILE B 35 18.23 28.37 24.08
C ILE B 35 16.80 27.90 23.90
N ILE B 36 16.55 27.14 22.82
CA ILE B 36 15.16 26.83 22.45
C ILE B 36 14.46 25.98 23.53
N GLY B 37 14.97 24.77 23.79
CA GLY B 37 14.39 23.86 24.76
C GLY B 37 14.08 24.44 26.14
N GLU B 38 15.08 24.95 26.86
CA GLU B 38 14.83 25.61 28.15
C GLU B 38 13.83 26.77 28.02
N GLY B 39 13.85 27.40 26.85
CA GLY B 39 12.86 28.40 26.52
C GLY B 39 11.44 27.87 26.54
N VAL B 40 11.22 26.76 25.85
CA VAL B 40 9.89 26.15 25.80
C VAL B 40 9.47 25.70 27.21
N LEU B 41 10.41 25.08 27.92
CA LEU B 41 10.17 24.54 29.25
C LEU B 41 9.84 25.67 30.27
N ARG B 42 10.61 26.75 30.21
CA ARG B 42 10.37 27.91 31.04
C ARG B 42 9.06 28.59 30.67
N ALA B 43 8.75 28.66 29.39
CA ALA B 43 7.46 29.24 29.01
C ALA B 43 6.29 28.40 29.57
N VAL B 44 6.44 27.09 29.57
CA VAL B 44 5.36 26.25 29.98
C VAL B 44 5.15 26.36 31.49
N LYS B 45 6.24 26.35 32.26
CA LYS B 45 6.17 26.47 33.70
C LYS B 45 5.61 27.83 34.15
N GLU B 46 6.08 28.91 33.52
CA GLU B 46 5.60 30.27 33.79
C GLU B 46 4.14 30.56 33.42
N SER B 47 3.59 29.81 32.47
CA SER B 47 2.21 29.99 32.05
C SER B 47 1.24 29.29 33.02
N ARG B 49 1.55 29.12 36.60
CA ARG B 49 1.38 29.88 37.84
C ARG B 49 -0.04 30.45 37.96
N TRP B 50 -0.70 30.16 39.07
CA TRP B 50 -2.06 30.64 39.34
C TRP B 50 -3.05 30.30 38.22
N VAL B 56 -3.37 23.89 22.97
CA VAL B 56 -1.90 23.85 23.00
C VAL B 56 -1.29 25.17 23.44
N HIS B 57 -1.50 25.54 24.70
CA HIS B 57 -0.52 26.38 25.39
C HIS B 57 0.87 25.94 24.90
N PHE B 58 1.07 24.62 24.80
CA PHE B 58 2.39 24.06 24.56
C PHE B 58 2.83 24.23 23.11
N GLY B 59 1.90 23.97 22.21
CA GLY B 59 2.13 24.17 20.81
C GLY B 59 2.51 25.58 20.51
N ALA B 60 1.80 26.54 21.08
CA ALA B 60 2.16 27.94 20.82
C ALA B 60 3.60 28.21 21.21
N PHE B 61 4.03 27.68 22.36
CA PHE B 61 5.40 27.98 22.84
C PHE B 61 6.44 27.29 21.97
N LEU B 62 6.13 26.07 21.53
CA LEU B 62 7.07 25.38 20.68
C LEU B 62 7.31 26.13 19.36
N LEU B 63 6.26 26.73 18.78
CA LEU B 63 6.33 27.65 17.62
C LEU B 63 6.98 29.01 17.86
N LEU B 64 6.62 29.65 18.96
CA LEU B 64 7.10 31.01 19.23
C LEU B 64 8.53 31.08 19.64
N VAL B 65 8.98 30.14 20.47
CA VAL B 65 10.32 30.25 21.09
C VAL B 65 11.49 30.39 20.03
N PRO B 66 11.58 29.46 19.04
CA PRO B 66 12.54 29.58 17.97
C PRO B 66 12.48 30.95 17.25
N LEU B 67 11.27 31.38 16.83
CA LEU B 67 11.08 32.71 16.29
C LEU B 67 11.59 33.80 17.21
N ILE B 68 11.23 33.72 18.50
CA ILE B 68 11.59 34.76 19.45
C ILE B 68 13.09 34.79 19.68
N SER B 69 13.75 33.64 19.57
CA SER B 69 15.19 33.54 19.82
C SER B 69 15.92 34.13 18.64
N SER B 70 15.16 34.41 17.56
CA SER B 70 15.71 35.07 16.37
C SER B 70 15.03 36.41 16.13
N TRP B 71 14.43 36.98 17.18
CA TRP B 71 13.74 38.27 17.13
C TRP B 71 14.46 39.38 16.36
N ASP B 72 15.81 39.37 16.38
CA ASP B 72 16.59 40.46 15.80
C ASP B 72 17.20 40.16 14.44
N ALA B 73 16.71 39.10 13.79
CA ALA B 73 17.29 38.68 12.52
C ALA B 73 16.87 39.63 11.41
N GLY B 74 15.81 40.38 11.64
CA GLY B 74 15.36 41.35 10.66
C GLY B 74 13.89 41.15 10.33
N GLY B 75 13.61 41.01 9.04
CA GLY B 75 12.25 40.76 8.61
C GLY B 75 11.73 39.36 8.87
N VAL B 77 10.96 36.87 6.85
CA VAL B 77 11.68 35.83 6.15
C VAL B 77 12.99 35.56 6.85
N ASP B 78 13.74 36.61 7.19
CA ASP B 78 14.99 36.42 7.94
C ASP B 78 14.77 35.75 9.30
N ILE B 79 13.70 36.14 10.01
CA ILE B 79 13.42 35.51 11.30
C ILE B 79 13.14 34.02 11.17
N ALA B 80 12.28 33.65 10.21
CA ALA B 80 11.96 32.22 10.03
C ALA B 80 13.20 31.37 9.68
N GLU B 81 14.03 31.89 8.80
CA GLU B 81 15.23 31.20 8.34
C GLU B 81 16.29 31.14 9.45
N ALA B 82 16.49 32.24 10.18
CA ALA B 82 17.38 32.22 11.34
C ALA B 82 16.90 31.22 12.34
N ALA B 83 15.58 31.05 12.47
CA ALA B 83 15.05 30.17 13.52
C ALA B 83 15.22 28.71 13.08
N ARG B 84 14.98 28.47 11.80
CA ARG B 84 15.27 27.15 11.25
C ARG B 84 16.74 26.74 11.53
N ASN B 85 17.67 27.66 11.26
CA ASN B 85 19.10 27.45 11.57
C ASN B 85 19.39 27.20 13.03
N ARG B 86 18.78 27.96 13.93
CA ARG B 86 18.97 27.73 15.37
C ARG B 86 18.44 26.37 15.76
N LEU B 87 17.30 26.00 15.19
CA LEU B 87 16.75 24.65 15.40
C LEU B 87 17.77 23.61 14.98
N ARG B 88 18.41 23.80 13.82
CA ARG B 88 19.38 22.81 13.33
C ARG B 88 20.61 22.72 14.25
N ARG B 89 20.94 23.80 14.95
CA ARG B 89 22.17 23.78 15.78
C ARG B 89 21.84 23.38 17.22
N THR B 90 20.61 23.00 17.40
CA THR B 90 20.15 22.50 18.66
C THR B 90 20.88 21.15 19.02
N ASP B 91 20.86 20.73 20.29
CA ASP B 91 21.35 19.38 20.63
C ASP B 91 20.28 18.53 21.31
N PHE B 92 20.59 17.28 21.71
CA PHE B 92 19.56 16.40 22.31
C PHE B 92 18.92 16.97 23.60
N ARG B 93 19.68 17.77 24.34
CA ARG B 93 19.16 18.43 25.54
C ARG B 93 17.92 19.34 25.27
N ASP B 94 17.94 20.07 24.16
CA ASP B 94 16.79 20.80 23.71
C ASP B 94 15.55 19.89 23.53
N SER B 95 15.78 18.71 22.95
CA SER B 95 14.72 17.69 22.82
C SER B 95 14.18 17.25 24.20
N LEU B 96 15.09 16.95 25.12
CA LEU B 96 14.75 16.55 26.49
C LEU B 96 13.88 17.59 27.22
N SER B 97 14.29 18.86 27.12
CA SER B 97 13.56 19.97 27.69
C SER B 97 12.15 20.11 27.12
N VAL B 98 12.00 19.96 25.81
CA VAL B 98 10.69 20.01 25.12
C VAL B 98 9.80 18.84 25.53
N LEU B 99 10.43 17.66 25.76
CA LEU B 99 9.68 16.48 26.20
C LEU B 99 9.16 16.69 27.62
N GLU B 100 10.02 17.19 28.50
CA GLU B 100 9.60 17.56 29.86
C GLU B 100 8.49 18.61 29.82
N ALA B 101 8.65 19.63 28.97
CA ALA B 101 7.67 20.68 28.81
C ALA B 101 6.34 20.11 28.37
N PHE B 102 6.40 19.08 27.55
CA PHE B 102 5.20 18.47 27.04
C PHE B 102 4.52 17.63 28.11
N ARG B 103 5.31 16.87 28.85
CA ARG B 103 4.78 16.04 29.92
C ARG B 103 4.17 16.97 30.94
N LEU B 104 4.90 18.00 31.35
CA LEU B 104 4.35 18.97 32.30
C LEU B 104 3.04 19.54 31.79
N SER B 105 2.79 19.38 30.50
CA SER B 105 1.72 20.13 29.84
C SER B 105 0.48 19.29 29.45
N ASN B 106 0.62 17.96 29.47
CA ASN B 106 -0.46 17.06 29.07
C ASN B 106 -0.85 16.16 30.23
N LEU B 117 7.58 5.41 31.79
CA LEU B 117 8.01 4.22 31.06
C LEU B 117 8.17 4.44 29.55
N LYS B 118 7.11 4.91 28.89
CA LYS B 118 7.20 5.22 27.45
C LYS B 118 7.95 6.52 27.21
N ASP B 119 7.71 7.53 28.07
CA ASP B 119 8.39 8.82 27.97
C ASP B 119 9.84 8.63 28.43
N ARG B 120 10.03 7.78 29.44
CA ARG B 120 11.37 7.37 29.85
C ARG B 120 12.06 6.59 28.72
N LYS B 121 11.30 5.86 27.92
CA LYS B 121 11.87 5.14 26.80
C LYS B 121 12.22 6.04 25.61
N THR B 122 11.35 7.00 25.32
CA THR B 122 11.67 7.95 24.25
C THR B 122 12.84 8.85 24.65
N GLU B 123 12.88 9.30 25.90
CA GLU B 123 14.01 10.09 26.40
C GLU B 123 15.31 9.36 26.27
N GLU B 124 15.26 8.06 26.59
CA GLU B 124 16.37 7.13 26.46
C GLU B 124 16.96 7.15 25.05
N GLU B 125 16.12 6.96 24.04
CA GLU B 125 16.59 7.06 22.65
C GLU B 125 17.15 8.41 22.26
N ILE B 126 16.58 9.49 22.81
CA ILE B 126 16.97 10.84 22.42
C ILE B 126 18.38 11.13 22.90
N ALA B 127 18.61 10.72 24.15
CA ALA B 127 19.86 10.90 24.79
C ALA B 127 20.89 10.05 24.07
N GLN B 128 20.51 8.80 23.83
CA GLN B 128 21.50 7.85 23.35
C GLN B 128 21.85 8.08 21.89
N LYS B 129 20.86 8.45 21.08
CA LYS B 129 21.07 8.71 19.67
C LYS B 129 21.39 10.16 19.47
N LYS B 130 21.43 10.94 20.56
CA LYS B 130 21.67 12.38 20.48
C LYS B 130 20.78 13.02 19.39
N ILE B 131 19.47 12.90 19.58
CA ILE B 131 18.51 13.42 18.64
C ILE B 131 18.16 14.87 19.03
N ASN B 132 18.58 15.81 18.19
CA ASN B 132 18.25 17.19 18.46
C ASN B 132 16.83 17.50 18.08
N LEU B 133 16.45 18.74 18.30
CA LEU B 133 15.05 19.10 18.25
C LEU B 133 14.54 19.04 16.83
N TYR B 134 15.38 19.50 15.91
CA TYR B 134 15.10 19.50 14.50
C TYR B 134 15.00 18.08 13.98
N GLU B 135 15.96 17.22 14.33
CA GLU B 135 15.96 15.84 13.85
C GLU B 135 14.72 15.06 14.37
N TRP B 136 14.34 15.37 15.61
CA TRP B 136 13.21 14.75 16.27
C TRP B 136 11.93 15.17 15.58
N LYS B 138 11.78 16.06 12.57
CA LYS B 138 11.80 15.43 11.24
C LYS B 138 11.19 14.03 11.17
N ALA B 140 8.41 13.19 12.90
CA ALA B 140 7.03 13.30 13.35
C ALA B 140 6.07 12.87 12.22
N PRO B 141 4.83 12.49 12.58
CA PRO B 141 3.83 12.17 11.53
C PRO B 141 3.58 13.35 10.59
N GLU B 142 3.37 13.05 9.31
CA GLU B 142 2.83 13.99 8.29
C GLU B 142 1.88 15.05 8.87
N GLU B 143 0.86 14.60 9.61
CA GLU B 143 -0.20 15.47 10.12
C GLU B 143 0.19 16.43 11.23
N ASN B 144 1.43 16.30 11.73
CA ASN B 144 1.86 17.13 12.83
C ASN B 144 2.31 18.51 12.29
N LEU B 145 1.39 19.49 12.38
CA LEU B 145 1.61 20.82 11.78
C LEU B 145 2.81 21.52 12.40
N ILE B 146 2.94 21.40 13.71
CA ILE B 146 3.95 22.20 14.41
C ILE B 146 5.32 21.65 14.05
N ALA B 147 5.41 20.31 13.99
CA ALA B 147 6.67 19.62 13.61
C ALA B 147 7.14 20.06 12.21
N ARG B 148 6.19 20.03 11.27
CA ARG B 148 6.39 20.49 9.90
C ARG B 148 7.04 21.89 9.85
N GLU B 149 6.47 22.79 10.62
CA GLU B 149 6.81 24.19 10.71
C GLU B 149 8.23 24.32 11.28
N LEU B 150 8.54 23.57 12.32
CA LEU B 150 9.90 23.60 12.86
C LEU B 150 10.94 23.06 11.88
N VAL B 151 10.49 22.28 10.91
CA VAL B 151 11.43 21.67 10.01
C VAL B 151 11.54 22.42 8.67
N ASP B 152 10.42 22.97 8.18
CA ASP B 152 10.46 23.49 6.84
C ASP B 152 10.65 24.99 6.77
N GLY B 153 10.99 25.64 7.89
CA GLY B 153 11.17 27.09 7.85
C GLY B 153 9.92 27.90 8.12
N PHE B 154 8.97 27.35 8.86
CA PHE B 154 7.75 28.07 9.26
C PHE B 154 6.89 28.57 8.05
N LYS B 155 6.78 27.72 7.04
CA LYS B 155 6.07 28.08 5.81
C LYS B 155 4.65 28.56 6.07
N ILE B 156 3.95 27.87 6.97
CA ILE B 156 2.56 28.16 7.25
C ILE B 156 2.48 29.48 7.95
N SER B 157 3.36 29.70 8.93
CA SER B 157 3.38 30.97 9.65
C SER B 157 3.71 32.13 8.71
N ILE B 158 4.57 31.89 7.73
CA ILE B 158 4.91 32.88 6.72
C ILE B 158 3.65 33.22 5.89
N GLU B 159 3.02 32.21 5.29
CA GLU B 159 1.76 32.44 4.59
C GLU B 159 0.74 33.19 5.47
N GLY B 160 0.61 32.80 6.74
CA GLY B 160 -0.34 33.44 7.67
C GLY B 160 -0.06 34.93 7.79
N ALA B 161 1.22 35.26 7.97
CA ALA B 161 1.69 36.62 8.10
C ALA B 161 1.39 37.46 6.85
N LYS B 162 1.59 36.86 5.67
CA LYS B 162 1.27 37.50 4.39
C LYS B 162 -0.23 37.73 4.29
N PHE B 163 -1.01 36.75 4.76
CA PHE B 163 -2.46 36.93 4.84
C PHE B 163 -2.78 38.20 5.64
N LEU B 164 -2.16 38.32 6.81
CA LEU B 164 -2.43 39.46 7.73
C LEU B 164 -2.03 40.76 7.12
N LEU B 165 -0.91 40.78 6.42
CA LEU B 165 -0.34 42.01 5.90
C LEU B 165 -1.10 42.57 4.72
N SER B 166 -1.77 41.72 3.96
CA SER B 166 -2.54 42.22 2.83
C SER B 166 -3.93 42.56 3.32
N PHE B 167 -4.27 42.05 4.50
CA PHE B 167 -5.54 42.35 5.13
C PHE B 167 -5.54 43.68 5.91
N GLY B 168 -4.42 44.06 6.52
CA GLY B 168 -4.42 45.21 7.44
C GLY B 168 -4.55 44.80 8.91
N ASN B 169 -4.20 45.72 9.81
CA ASN B 169 -4.05 45.42 11.23
C ASN B 169 -5.31 45.65 12.02
N SER B 170 -5.95 44.55 12.43
CA SER B 170 -7.19 44.59 13.22
C SER B 170 -7.55 43.21 13.79
N GLY B 171 -8.71 43.14 14.45
CA GLY B 171 -9.25 41.89 14.97
C GLY B 171 -9.89 41.06 13.87
N LYS B 172 -10.63 41.72 12.99
CA LYS B 172 -11.19 41.06 11.81
C LYS B 172 -10.09 40.34 11.02
N ALA B 173 -8.92 40.96 10.90
CA ALA B 173 -7.79 40.32 10.27
C ALA B 173 -7.47 38.98 10.97
N VAL B 174 -7.32 39.03 12.29
CA VAL B 174 -6.90 37.86 13.07
C VAL B 174 -7.99 36.80 13.03
N VAL B 175 -9.24 37.24 13.18
CA VAL B 175 -10.38 36.34 13.09
C VAL B 175 -10.44 35.63 11.73
N GLU B 176 -10.10 36.38 10.68
CA GLU B 176 -10.09 35.86 9.31
C GLU B 176 -8.99 34.87 9.08
N LEU B 177 -7.78 35.18 9.54
CA LEU B 177 -6.69 34.23 9.48
C LEU B 177 -7.06 32.93 10.18
N TYR B 178 -7.75 33.05 11.30
CA TYR B 178 -8.04 31.87 12.09
C TYR B 178 -8.89 30.88 11.27
N TYR B 179 -9.98 31.37 10.71
CA TYR B 179 -10.90 30.52 9.95
C TYR B 179 -10.30 30.02 8.65
N HIS B 180 -9.55 30.90 8.00
CA HIS B 180 -8.71 30.52 6.86
C HIS B 180 -7.87 29.28 7.15
N LEU B 181 -7.06 29.35 8.20
CA LEU B 181 -6.26 28.19 8.66
C LEU B 181 -7.14 27.04 9.10
N LEU B 182 -8.17 27.33 9.89
CA LEU B 182 -9.12 26.29 10.25
C LEU B 182 -9.66 25.54 9.02
N SER B 183 -9.85 26.23 7.89
CA SER B 183 -10.43 25.60 6.70
C SER B 183 -9.42 24.78 5.92
N LYS B 184 -8.15 25.05 6.18
CA LYS B 184 -7.08 24.55 5.35
C LYS B 184 -6.38 23.34 5.96
N PHE B 185 -6.16 23.36 7.27
CA PHE B 185 -5.38 22.32 7.92
C PHE B 185 -6.22 21.58 8.96
N PRO B 186 -6.40 20.26 8.75
CA PRO B 186 -6.97 19.46 9.82
C PRO B 186 -6.10 19.58 11.10
N ASP B 187 -6.72 19.76 12.26
CA ASP B 187 -5.94 20.05 13.47
C ASP B 187 -5.58 18.76 14.15
N PRO B 188 -4.27 18.51 14.30
CA PRO B 188 -3.79 17.24 14.90
C PRO B 188 -4.30 16.97 16.31
N LEU B 189 -4.49 18.00 17.13
CA LEU B 189 -5.17 17.80 18.43
C LEU B 189 -6.59 17.28 18.25
N VAL B 190 -7.33 17.84 17.31
CA VAL B 190 -8.65 17.30 17.03
C VAL B 190 -8.55 15.85 16.48
N ILE B 191 -7.67 15.61 15.51
CA ILE B 191 -7.46 14.24 15.03
C ILE B 191 -7.32 13.29 16.23
N ALA B 192 -6.34 13.53 17.09
CA ALA B 192 -6.00 12.62 18.19
C ALA B 192 -7.14 12.33 19.17
N LYS B 193 -8.07 13.28 19.30
CA LYS B 193 -9.16 13.15 20.25
C LYS B 193 -10.42 12.58 19.59
N GLY B 195 -10.54 11.91 16.14
CA GLY B 195 -10.19 11.12 14.97
C GLY B 195 -10.22 11.85 13.65
N ARG B 196 -9.50 11.29 12.69
CA ARG B 196 -9.28 11.84 11.36
C ARG B 196 -10.54 12.39 10.68
N GLU B 197 -11.67 11.73 10.93
CA GLU B 197 -12.94 12.03 10.25
C GLU B 197 -13.54 13.37 10.71
N TYR B 198 -13.72 13.50 12.02
CA TYR B 198 -14.23 14.70 12.66
C TYR B 198 -13.36 15.93 12.29
N ALA B 199 -12.05 15.79 12.45
CA ALA B 199 -11.09 16.84 12.10
C ALA B 199 -11.17 17.28 10.63
N GLU B 200 -11.27 16.31 9.72
CA GLU B 200 -11.41 16.62 8.31
C GLU B 200 -12.69 17.41 8.11
N LYS B 201 -13.70 17.08 8.90
CA LYS B 201 -15.00 17.76 8.84
C LYS B 201 -14.95 19.22 9.33
N ILE B 202 -14.15 19.48 10.36
CA ILE B 202 -13.90 20.86 10.82
C ILE B 202 -13.49 21.74 9.64
N THR B 203 -12.49 21.32 8.89
CA THR B 203 -11.99 22.16 7.80
C THR B 203 -13.14 22.50 6.89
N GLU B 204 -13.86 21.46 6.47
CA GLU B 204 -14.97 21.66 5.58
C GLU B 204 -16.03 22.50 6.23
N TRP B 205 -16.26 22.30 7.53
CA TRP B 205 -17.21 23.16 8.22
C TRP B 205 -16.72 24.61 8.10
N ALA B 206 -15.53 24.88 8.66
CA ALA B 206 -14.90 26.21 8.64
C ALA B 206 -14.91 26.87 7.26
N GLU B 207 -14.69 26.07 6.23
CA GLU B 207 -14.84 26.51 4.85
C GLU B 207 -16.20 27.17 4.57
N LYS B 208 -17.27 26.63 5.16
CA LYS B 208 -18.60 27.20 4.97
C LYS B 208 -18.76 28.49 5.76
N ALA B 209 -18.31 28.47 7.02
CA ALA B 209 -18.75 29.45 8.02
C ALA B 209 -18.22 30.89 7.80
N ARG B 210 -19.07 31.72 7.18
CA ARG B 210 -18.68 33.09 6.85
C ARG B 210 -19.23 34.13 7.82
N THR B 211 -20.49 33.98 8.23
CA THR B 211 -21.17 35.04 9.00
C THR B 211 -20.72 35.07 10.45
N GLU B 212 -20.97 36.21 11.09
CA GLU B 212 -20.63 36.40 12.50
C GLU B 212 -21.25 35.31 13.34
N GLU B 213 -22.47 34.88 12.97
CA GLU B 213 -23.15 33.83 13.72
C GLU B 213 -22.89 32.38 13.24
N GLU B 214 -22.59 32.21 11.95
CA GLU B 214 -22.22 30.89 11.41
C GLU B 214 -20.95 30.41 12.07
N ARG B 215 -20.04 31.36 12.32
CA ARG B 215 -18.81 31.09 13.02
C ARG B 215 -19.11 30.87 14.50
N LYS B 216 -19.99 31.69 15.06
CA LYS B 216 -20.49 31.45 16.43
C LYS B 216 -21.08 30.05 16.53
N GLU B 217 -21.78 29.64 15.47
CA GLU B 217 -22.38 28.33 15.38
C GLU B 217 -21.33 27.23 15.44
N LEU B 218 -20.38 27.29 14.51
CA LEU B 218 -19.28 26.34 14.48
C LEU B 218 -18.55 26.23 15.83
N ASP B 219 -18.32 27.37 16.49
CA ASP B 219 -17.52 27.38 17.72
C ASP B 219 -18.27 26.68 18.84
N GLU B 220 -19.57 26.94 18.91
CA GLU B 220 -20.43 26.37 19.92
C GLU B 220 -20.50 24.87 19.68
N LYS B 221 -20.63 24.51 18.41
CA LYS B 221 -20.68 23.14 17.97
C LYS B 221 -19.45 22.39 18.49
N LEU B 222 -18.27 22.99 18.29
CA LEU B 222 -17.00 22.43 18.72
C LEU B 222 -16.89 22.33 20.24
N LEU B 223 -17.41 23.34 20.93
CA LEU B 223 -17.28 23.40 22.40
C LEU B 223 -17.99 22.23 23.05
N LYS B 224 -19.26 22.08 22.71
CA LYS B 224 -20.09 20.99 23.20
C LYS B 224 -19.54 19.62 22.78
N ASP B 225 -18.94 19.55 21.59
CA ASP B 225 -18.28 18.34 21.10
C ASP B 225 -16.91 18.09 21.75
N GLY B 226 -16.44 19.03 22.56
CA GLY B 226 -15.19 18.85 23.31
C GLY B 226 -13.93 18.87 22.47
N ALA B 227 -14.08 19.23 21.20
CA ALA B 227 -12.95 19.43 20.29
C ALA B 227 -12.45 20.87 20.32
N ASN B 228 -11.15 21.02 20.54
CA ASN B 228 -10.50 22.30 20.50
C ASN B 228 -9.36 22.31 19.46
N PRO B 229 -9.48 23.14 18.42
CA PRO B 229 -8.41 23.25 17.40
C PRO B 229 -7.26 24.16 17.86
N GLY B 230 -6.56 23.70 18.91
CA GLY B 230 -5.50 24.50 19.54
C GLY B 230 -4.32 24.78 18.64
N THR B 231 -4.06 23.88 17.70
CA THR B 231 -2.98 24.05 16.71
C THR B 231 -3.27 25.19 15.72
N ILE B 232 -4.51 25.26 15.24
CA ILE B 232 -4.92 26.38 14.41
C ILE B 232 -4.63 27.66 15.18
N ALA B 233 -4.96 27.70 16.47
CA ALA B 233 -4.73 28.87 17.32
C ALA B 233 -3.23 29.18 17.44
N ASP B 234 -2.43 28.18 17.80
CA ASP B 234 -0.97 28.32 17.84
C ASP B 234 -0.43 28.96 16.54
N LEU B 235 -0.92 28.50 15.41
CA LEU B 235 -0.38 28.94 14.13
C LEU B 235 -0.81 30.35 13.85
N THR B 236 -1.93 30.75 14.45
CA THR B 236 -2.43 32.09 14.25
C THR B 236 -1.50 33.01 15.02
N ALA B 237 -1.15 32.59 16.24
CA ALA B 237 -0.18 33.33 17.04
C ALA B 237 1.18 33.44 16.30
N SER B 238 1.72 32.35 15.80
CA SER B 238 3.03 32.44 15.11
C SER B 238 3.01 33.41 13.89
N SER B 239 1.96 33.33 13.06
CA SER B 239 1.68 34.32 11.99
C SER B 239 1.67 35.78 12.45
N ILE B 240 0.90 36.05 13.51
CA ILE B 240 0.84 37.36 14.10
C ILE B 240 2.25 37.88 14.41
N PHE B 241 3.04 37.06 15.12
CA PHE B 241 4.36 37.50 15.49
C PHE B 241 5.18 37.94 14.27
N LEU B 242 5.31 37.04 13.32
CA LEU B 242 6.04 37.31 12.10
C LEU B 242 5.48 38.54 11.35
N ALA B 243 4.16 38.78 11.39
CA ALA B 243 3.58 39.96 10.74
C ALA B 243 3.91 41.26 11.51
N LEU B 244 3.85 41.18 12.84
CA LEU B 244 4.30 42.29 13.69
C LEU B 244 5.73 42.66 13.34
N ALA B 245 6.60 41.66 13.25
CA ALA B 245 8.02 41.96 12.99
C ALA B 245 8.27 42.48 11.56
N GLU B 246 7.44 42.05 10.61
CA GLU B 246 7.55 42.58 9.26
C GLU B 246 7.08 44.04 9.23
N GLY B 247 6.06 44.38 9.99
CA GLY B 247 5.52 45.71 9.97
C GLY B 247 4.08 45.67 9.46
N TRP B 248 3.14 45.63 10.41
CA TRP B 248 1.76 45.33 10.12
C TRP B 248 0.86 46.48 10.52
N ARG B 249 0.28 47.11 9.50
CA ARG B 249 -0.58 48.30 9.67
C ARG B 249 -1.86 48.13 8.81
N PHE C 16 8.01 -27.87 -37.75
CA PHE C 16 6.92 -27.45 -36.82
C PHE C 16 6.16 -28.63 -36.24
N LEU C 17 5.90 -29.62 -37.09
CA LEU C 17 5.26 -30.87 -36.64
C LEU C 17 6.11 -31.64 -35.61
N ALA C 18 7.32 -31.13 -35.34
CA ALA C 18 8.18 -31.64 -34.28
C ALA C 18 8.05 -30.80 -33.01
N SER C 19 8.17 -29.47 -33.17
CA SER C 19 7.89 -28.55 -32.07
C SER C 19 6.54 -28.89 -31.46
N ALA C 20 5.67 -29.44 -32.31
CA ALA C 20 4.36 -29.92 -31.89
C ALA C 20 4.45 -31.12 -30.95
N ALA C 21 5.39 -32.02 -31.24
CA ALA C 21 5.49 -33.32 -30.58
C ALA C 21 5.90 -33.28 -29.09
N GLY C 22 6.74 -32.33 -28.70
CA GLY C 22 7.14 -32.18 -27.31
C GLY C 22 5.96 -31.77 -26.45
N ALA C 23 5.01 -31.08 -27.07
CA ALA C 23 3.82 -30.63 -26.37
C ALA C 23 2.72 -31.68 -26.25
N PHE C 24 2.92 -32.85 -26.85
CA PHE C 24 1.88 -33.89 -26.88
C PHE C 24 1.30 -34.25 -25.50
N PRO C 25 2.18 -34.51 -24.49
CA PRO C 25 1.63 -34.84 -23.17
C PRO C 25 0.78 -33.71 -22.62
N ALA C 26 1.20 -32.47 -22.82
CA ALA C 26 0.36 -31.32 -22.42
C ALA C 26 -1.02 -31.35 -23.11
N PHE C 27 -1.03 -31.61 -24.41
CA PHE C 27 -2.30 -31.61 -25.13
C PHE C 27 -3.22 -32.67 -24.50
N LEU C 28 -2.65 -33.82 -24.14
CA LEU C 28 -3.42 -34.92 -23.53
C LEU C 28 -4.05 -34.46 -22.25
N GLU C 29 -3.26 -33.78 -21.42
CA GLU C 29 -3.77 -33.26 -20.16
C GLU C 29 -4.91 -32.23 -20.32
N VAL C 30 -4.73 -31.29 -21.26
CA VAL C 30 -5.79 -30.34 -21.64
C VAL C 30 -7.03 -31.10 -22.12
N ALA C 31 -6.79 -32.07 -23.02
CA ALA C 31 -7.84 -32.96 -23.50
C ALA C 31 -8.63 -33.62 -22.36
N GLU C 32 -7.94 -33.95 -21.28
CA GLU C 32 -8.60 -34.62 -20.15
C GLU C 32 -9.18 -33.66 -19.11
N LYS C 33 -8.37 -32.68 -18.71
CA LYS C 33 -8.67 -31.79 -17.60
C LYS C 33 -9.36 -30.49 -18.04
N ARG C 34 -9.11 -30.08 -19.29
CA ARG C 34 -9.75 -28.92 -19.96
C ARG C 34 -9.37 -27.58 -19.30
N ILE C 35 -8.08 -27.51 -18.97
CA ILE C 35 -7.48 -26.38 -18.27
C ILE C 35 -6.74 -25.50 -19.27
N ILE C 36 -7.16 -24.26 -19.43
CA ILE C 36 -6.60 -23.42 -20.49
C ILE C 36 -5.27 -22.73 -20.16
N GLY C 37 -5.27 -21.77 -19.25
CA GLY C 37 -4.03 -21.08 -18.94
C GLY C 37 -2.88 -22.04 -18.66
N GLU C 38 -3.12 -23.01 -17.78
CA GLU C 38 -2.08 -23.95 -17.42
C GLU C 38 -1.75 -24.92 -18.56
N GLY C 39 -2.74 -25.23 -19.39
CA GLY C 39 -2.48 -25.95 -20.64
C GLY C 39 -1.49 -25.22 -21.51
N VAL C 40 -1.70 -23.91 -21.69
CA VAL C 40 -0.79 -23.10 -22.49
C VAL C 40 0.58 -23.03 -21.84
N LEU C 41 0.58 -22.86 -20.53
CA LEU C 41 1.81 -22.70 -19.75
C LEU C 41 2.65 -24.00 -19.76
N ARG C 42 2.01 -25.13 -19.51
CA ARG C 42 2.69 -26.42 -19.61
C ARG C 42 3.27 -26.70 -21.02
N ALA C 43 2.50 -26.39 -22.05
CA ALA C 43 2.92 -26.60 -23.43
C ALA C 43 4.16 -25.80 -23.80
N VAL C 44 4.24 -24.57 -23.32
CA VAL C 44 5.41 -23.74 -23.53
C VAL C 44 6.57 -24.32 -22.77
N LYS C 45 6.33 -24.70 -21.52
CA LYS C 45 7.42 -25.24 -20.68
C LYS C 45 7.98 -26.52 -21.31
N GLU C 46 7.13 -27.53 -21.46
CA GLU C 46 7.54 -28.79 -22.03
C GLU C 46 8.23 -28.59 -23.37
N SER C 47 7.61 -27.78 -24.22
CA SER C 47 8.13 -27.51 -25.55
C SER C 47 9.48 -26.78 -25.52
N ARG C 49 11.97 -27.39 -23.00
CA ARG C 49 13.00 -28.22 -22.37
C ARG C 49 13.64 -29.18 -23.38
N VAL C 56 8.33 -19.69 -27.75
CA VAL C 56 8.99 -20.60 -28.68
C VAL C 56 8.07 -20.84 -29.87
N HIS C 57 6.85 -21.25 -29.57
CA HIS C 57 5.74 -21.29 -30.52
C HIS C 57 4.45 -20.86 -29.78
N PHE C 58 4.63 -19.89 -28.89
CA PHE C 58 3.59 -19.44 -27.98
C PHE C 58 2.22 -19.28 -28.63
N GLY C 59 2.12 -18.46 -29.69
CA GLY C 59 0.82 -18.21 -30.34
C GLY C 59 0.11 -19.48 -30.78
N ALA C 60 0.86 -20.44 -31.31
CA ALA C 60 0.30 -21.73 -31.67
C ALA C 60 -0.40 -22.40 -30.48
N PHE C 61 0.22 -22.36 -29.32
CA PHE C 61 -0.34 -23.01 -28.15
C PHE C 61 -1.57 -22.27 -27.64
N LEU C 62 -1.47 -20.93 -27.59
CA LEU C 62 -2.59 -20.10 -27.25
C LEU C 62 -3.82 -20.36 -28.14
N LEU C 63 -3.58 -20.66 -29.42
CA LEU C 63 -4.68 -20.98 -30.35
C LEU C 63 -5.20 -22.42 -30.19
N LEU C 64 -4.27 -23.36 -30.06
CA LEU C 64 -4.67 -24.78 -30.02
C LEU C 64 -5.21 -25.28 -28.68
N VAL C 65 -4.67 -24.80 -27.58
CA VAL C 65 -5.10 -25.33 -26.29
C VAL C 65 -6.64 -25.21 -26.10
N PRO C 66 -7.21 -24.03 -26.36
CA PRO C 66 -8.66 -23.97 -26.13
C PRO C 66 -9.42 -24.88 -27.08
N LEU C 67 -8.96 -25.02 -28.33
CA LEU C 67 -9.56 -26.00 -29.26
C LEU C 67 -9.41 -27.46 -28.77
N ILE C 68 -8.21 -27.82 -28.29
CA ILE C 68 -7.92 -29.14 -27.75
C ILE C 68 -8.79 -29.41 -26.53
N SER C 69 -9.02 -28.40 -25.72
CA SER C 69 -9.90 -28.54 -24.57
C SER C 69 -11.35 -28.89 -24.98
N SER C 70 -11.67 -28.72 -26.27
CA SER C 70 -13.02 -29.00 -26.79
C SER C 70 -13.01 -30.10 -27.84
N TRP C 71 -12.04 -31.00 -27.70
CA TRP C 71 -11.72 -31.96 -28.75
C TRP C 71 -12.93 -32.83 -29.10
N ASP C 72 -13.74 -33.16 -28.10
CA ASP C 72 -14.84 -34.07 -28.30
C ASP C 72 -16.18 -33.41 -28.66
N ALA C 73 -16.16 -32.16 -29.12
CA ALA C 73 -17.41 -31.39 -29.32
C ALA C 73 -18.21 -31.67 -30.60
N GLY C 74 -17.54 -32.14 -31.64
CA GLY C 74 -18.21 -32.41 -32.92
C GLY C 74 -17.32 -32.04 -34.08
N GLY C 75 -17.86 -31.37 -35.09
CA GLY C 75 -17.07 -30.93 -36.23
C GLY C 75 -16.39 -29.63 -35.90
N VAL C 77 -17.22 -26.39 -36.44
CA VAL C 77 -18.10 -25.39 -35.85
C VAL C 77 -18.32 -25.69 -34.36
N ASP C 78 -18.66 -26.94 -34.08
CA ASP C 78 -18.92 -27.42 -32.74
C ASP C 78 -17.74 -27.14 -31.82
N ILE C 79 -16.54 -27.44 -32.33
CA ILE C 79 -15.33 -27.29 -31.55
C ILE C 79 -14.98 -25.81 -31.29
N ALA C 80 -15.06 -24.98 -32.33
CA ALA C 80 -14.74 -23.58 -32.13
C ALA C 80 -15.68 -22.92 -31.13
N GLU C 81 -16.98 -23.26 -31.20
CA GLU C 81 -17.96 -22.61 -30.34
C GLU C 81 -17.83 -23.09 -28.92
N ALA C 82 -17.54 -24.36 -28.76
CA ALA C 82 -17.39 -24.92 -27.43
C ALA C 82 -16.12 -24.36 -26.78
N ALA C 83 -15.09 -24.19 -27.60
CA ALA C 83 -13.85 -23.56 -27.19
C ALA C 83 -14.05 -22.12 -26.74
N ARG C 84 -14.91 -21.36 -27.44
CA ARG C 84 -15.19 -19.97 -27.03
C ARG C 84 -15.82 -19.99 -25.64
N ASN C 85 -16.67 -20.99 -25.44
CA ASN C 85 -17.47 -21.08 -24.22
C ASN C 85 -16.61 -21.35 -23.01
N ARG C 86 -15.69 -22.30 -23.15
CA ARG C 86 -14.73 -22.56 -22.12
C ARG C 86 -13.80 -21.36 -21.94
N LEU C 87 -13.59 -20.59 -23.00
CA LEU C 87 -12.79 -19.39 -22.86
C LEU C 87 -13.55 -18.39 -22.01
N ARG C 88 -14.87 -18.39 -22.19
CA ARG C 88 -15.71 -17.46 -21.43
C ARG C 88 -15.83 -17.84 -19.97
N ARG C 89 -15.57 -19.10 -19.64
CA ARG C 89 -15.69 -19.55 -18.26
C ARG C 89 -14.34 -19.73 -17.59
N THR C 90 -13.27 -19.27 -18.23
CA THR C 90 -11.99 -19.18 -17.52
C THR C 90 -12.08 -18.15 -16.39
N ASP C 91 -11.01 -18.04 -15.63
CA ASP C 91 -10.97 -17.03 -14.57
C ASP C 91 -9.67 -16.24 -14.75
N PHE C 92 -9.38 -15.31 -13.85
CA PHE C 92 -8.20 -14.45 -14.00
C PHE C 92 -6.88 -15.24 -13.97
N ARG C 93 -6.91 -16.38 -13.27
CA ARG C 93 -5.74 -17.29 -13.14
C ARG C 93 -5.31 -17.84 -14.48
N ASP C 94 -6.28 -18.08 -15.34
CA ASP C 94 -6.02 -18.41 -16.73
C ASP C 94 -5.17 -17.34 -17.44
N SER C 95 -5.56 -16.08 -17.27
CA SER C 95 -4.86 -14.97 -17.93
C SER C 95 -3.46 -14.91 -17.38
N LEU C 96 -3.33 -15.11 -16.07
CA LEU C 96 -2.02 -14.98 -15.46
C LEU C 96 -1.09 -16.09 -15.94
N SER C 97 -1.62 -17.31 -16.05
CA SER C 97 -0.84 -18.43 -16.62
C SER C 97 -0.40 -18.12 -18.03
N VAL C 98 -1.35 -17.64 -18.86
CA VAL C 98 -1.00 -17.19 -20.21
C VAL C 98 0.08 -16.10 -20.20
N LEU C 99 -0.10 -15.10 -19.34
CA LEU C 99 0.85 -14.00 -19.21
C LEU C 99 2.23 -14.56 -18.90
N GLU C 100 2.28 -15.47 -17.93
CA GLU C 100 3.54 -16.14 -17.57
C GLU C 100 4.13 -16.96 -18.71
N ALA C 101 3.27 -17.59 -19.51
CA ALA C 101 3.75 -18.38 -20.64
C ALA C 101 4.33 -17.45 -21.69
N PHE C 102 3.65 -16.32 -21.86
CA PHE C 102 4.12 -15.28 -22.78
C PHE C 102 5.53 -14.84 -22.39
N ARG C 103 5.70 -14.39 -21.14
CA ARG C 103 6.99 -13.90 -20.63
C ARG C 103 8.12 -14.90 -20.87
N LEU C 104 7.83 -16.18 -20.66
CA LEU C 104 8.78 -17.28 -20.78
C LEU C 104 9.26 -17.53 -22.19
N SER C 105 8.33 -17.43 -23.13
CA SER C 105 8.55 -17.75 -24.53
C SER C 105 9.27 -16.63 -25.29
N ASN C 106 9.31 -15.43 -24.71
CA ASN C 106 10.10 -14.31 -25.26
C ASN C 106 11.60 -14.56 -25.19
N ASN C 116 10.30 -7.54 -14.09
CA ASN C 116 9.09 -7.94 -13.38
C ASN C 116 8.08 -6.80 -13.35
N LEU C 117 8.51 -5.65 -12.83
CA LEU C 117 7.68 -4.49 -12.50
C LEU C 117 6.49 -4.25 -13.43
N LYS C 118 6.77 -4.31 -14.73
CA LYS C 118 5.80 -3.94 -15.73
C LYS C 118 4.64 -4.92 -15.73
N ASP C 119 4.91 -6.16 -16.16
CA ASP C 119 3.92 -7.25 -16.06
C ASP C 119 3.38 -7.40 -14.63
N ARG C 120 4.19 -7.02 -13.63
CA ARG C 120 3.72 -6.92 -12.24
C ARG C 120 2.45 -6.06 -12.12
N LYS C 121 2.46 -4.88 -12.73
CA LYS C 121 1.31 -3.97 -12.69
C LYS C 121 0.08 -4.46 -13.46
N THR C 122 0.34 -5.08 -14.62
CA THR C 122 -0.70 -5.72 -15.42
C THR C 122 -1.34 -6.88 -14.64
N GLU C 123 -0.49 -7.74 -14.10
CA GLU C 123 -0.89 -8.81 -13.21
C GLU C 123 -1.82 -8.34 -12.08
N GLU C 124 -1.46 -7.24 -11.43
CA GLU C 124 -2.29 -6.67 -10.37
C GLU C 124 -3.71 -6.34 -10.83
N GLU C 125 -3.83 -5.70 -12.01
CA GLU C 125 -5.14 -5.26 -12.53
C GLU C 125 -5.97 -6.43 -12.99
N ILE C 126 -5.31 -7.39 -13.63
CA ILE C 126 -5.93 -8.69 -13.95
C ILE C 126 -6.53 -9.36 -12.69
N ALA C 127 -5.71 -9.46 -11.64
CA ALA C 127 -6.12 -10.05 -10.39
C ALA C 127 -7.25 -9.23 -9.82
N GLN C 128 -7.04 -7.91 -9.67
CA GLN C 128 -8.00 -7.08 -8.97
C GLN C 128 -9.34 -6.98 -9.66
N LYS C 129 -9.35 -6.85 -10.98
CA LYS C 129 -10.63 -6.78 -11.68
C LYS C 129 -11.08 -8.15 -12.20
N LYS C 130 -10.42 -9.23 -11.73
CA LYS C 130 -10.76 -10.61 -12.11
C LYS C 130 -11.05 -10.72 -13.60
N ILE C 131 -10.12 -10.28 -14.42
CA ILE C 131 -10.28 -10.25 -15.85
C ILE C 131 -9.90 -11.63 -16.38
N ASN C 132 -10.88 -12.39 -16.83
CA ASN C 132 -10.56 -13.71 -17.30
C ASN C 132 -9.85 -13.65 -18.65
N LEU C 133 -9.44 -14.80 -19.18
CA LEU C 133 -8.69 -14.85 -20.44
C LEU C 133 -9.48 -14.21 -21.61
N TYR C 134 -10.77 -14.48 -21.66
CA TYR C 134 -11.59 -14.06 -22.75
C TYR C 134 -11.73 -12.54 -22.74
N GLU C 135 -11.84 -12.00 -21.53
CA GLU C 135 -11.98 -10.57 -21.29
C GLU C 135 -10.72 -9.79 -21.62
N TRP C 136 -9.58 -10.36 -21.28
CA TRP C 136 -8.28 -9.76 -21.54
C TRP C 136 -8.07 -9.62 -23.05
N LYS C 138 -10.38 -9.50 -25.19
CA LYS C 138 -11.33 -8.54 -25.73
C LYS C 138 -10.76 -7.15 -25.79
N ALA C 140 -7.51 -6.41 -26.50
CA ALA C 140 -6.28 -6.39 -27.24
C ALA C 140 -6.38 -5.37 -28.36
N PRO C 141 -5.23 -4.84 -28.79
CA PRO C 141 -5.23 -4.02 -30.00
C PRO C 141 -5.68 -4.88 -31.16
N GLU C 142 -6.39 -4.26 -32.10
CA GLU C 142 -7.08 -5.00 -33.17
C GLU C 142 -6.18 -5.68 -34.18
N GLU C 143 -4.91 -5.26 -34.26
CA GLU C 143 -3.91 -6.03 -35.01
C GLU C 143 -3.69 -7.43 -34.45
N ASN C 144 -4.03 -7.63 -33.18
CA ASN C 144 -3.78 -8.93 -32.53
C ASN C 144 -4.71 -10.05 -32.99
N LEU C 145 -4.25 -10.83 -33.97
CA LEU C 145 -5.05 -11.85 -34.65
C LEU C 145 -5.44 -13.01 -33.74
N ILE C 146 -4.53 -13.43 -32.89
CA ILE C 146 -4.85 -14.50 -31.95
C ILE C 146 -5.98 -14.10 -31.00
N ALA C 147 -5.94 -12.85 -30.50
CA ALA C 147 -6.97 -12.30 -29.60
C ALA C 147 -8.33 -12.29 -30.29
N ARG C 148 -8.35 -11.75 -31.50
CA ARG C 148 -9.57 -11.75 -32.34
C ARG C 148 -10.24 -13.12 -32.35
N GLU C 149 -9.44 -14.09 -32.73
CA GLU C 149 -9.78 -15.49 -32.80
C GLU C 149 -10.37 -16.06 -31.48
N LEU C 150 -9.71 -15.76 -30.34
CA LEU C 150 -10.15 -16.25 -29.03
C LEU C 150 -11.44 -15.59 -28.54
N VAL C 151 -11.72 -14.39 -29.05
CA VAL C 151 -12.95 -13.68 -28.78
C VAL C 151 -14.09 -14.04 -29.76
N ASP C 152 -13.76 -14.34 -31.02
CA ASP C 152 -14.81 -14.35 -32.07
C ASP C 152 -15.25 -15.74 -32.52
N GLY C 153 -14.81 -16.76 -31.79
CA GLY C 153 -15.06 -18.14 -32.14
C GLY C 153 -14.21 -18.70 -33.27
N PHE C 154 -12.97 -18.24 -33.36
CA PHE C 154 -11.97 -18.82 -34.29
C PHE C 154 -12.38 -18.70 -35.75
N LYS C 155 -12.95 -17.54 -36.09
CA LYS C 155 -13.48 -17.29 -37.43
C LYS C 155 -12.41 -17.46 -38.53
N ILE C 156 -11.22 -16.93 -38.31
CA ILE C 156 -10.14 -17.11 -39.28
C ILE C 156 -9.85 -18.61 -39.49
N SER C 157 -9.62 -19.34 -38.40
CA SER C 157 -9.34 -20.79 -38.41
C SER C 157 -10.39 -21.62 -39.11
N ILE C 158 -11.65 -21.19 -39.02
CA ILE C 158 -12.79 -21.85 -39.70
C ILE C 158 -12.73 -21.61 -41.20
N GLU C 159 -12.73 -20.33 -41.57
CA GLU C 159 -12.45 -19.87 -42.94
C GLU C 159 -11.23 -20.64 -43.47
N GLY C 160 -10.19 -20.75 -42.65
CA GLY C 160 -8.97 -21.49 -43.00
C GLY C 160 -9.17 -22.98 -43.23
N ALA C 161 -9.88 -23.62 -42.31
CA ALA C 161 -10.16 -25.06 -42.44
C ALA C 161 -10.99 -25.33 -43.68
N LYS C 162 -11.98 -24.49 -43.94
CA LYS C 162 -12.82 -24.59 -45.15
C LYS C 162 -11.97 -24.47 -46.40
N PHE C 163 -11.04 -23.52 -46.42
CA PHE C 163 -10.13 -23.37 -47.54
C PHE C 163 -9.40 -24.68 -47.75
N LEU C 164 -9.04 -25.33 -46.64
CA LEU C 164 -8.27 -26.58 -46.67
C LEU C 164 -9.11 -27.73 -47.25
N LEU C 165 -10.42 -27.65 -47.01
CA LEU C 165 -11.35 -28.68 -47.45
C LEU C 165 -11.93 -28.39 -48.84
N SER C 166 -11.58 -27.25 -49.42
CA SER C 166 -11.87 -27.01 -50.84
C SER C 166 -10.75 -27.63 -51.68
N PHE C 167 -9.82 -28.30 -51.00
CA PHE C 167 -8.85 -29.12 -51.70
C PHE C 167 -9.20 -30.60 -51.60
N ASN C 169 -6.24 -32.65 -49.27
CA ASN C 169 -5.47 -32.99 -48.07
C ASN C 169 -3.96 -33.05 -48.32
N SER C 170 -3.55 -32.63 -49.52
CA SER C 170 -2.14 -32.56 -49.91
C SER C 170 -1.34 -31.61 -49.02
N GLY C 171 -0.02 -31.74 -49.07
CA GLY C 171 0.89 -30.79 -48.42
C GLY C 171 0.70 -29.42 -49.03
N LYS C 172 0.45 -29.40 -50.35
CA LYS C 172 0.22 -28.17 -51.12
C LYS C 172 -1.01 -27.38 -50.64
N ALA C 173 -2.06 -28.10 -50.23
CA ALA C 173 -3.22 -27.48 -49.59
C ALA C 173 -2.81 -26.57 -48.43
N VAL C 174 -1.97 -27.09 -47.55
CA VAL C 174 -1.42 -26.33 -46.41
C VAL C 174 -0.67 -25.07 -46.86
N VAL C 175 0.19 -25.23 -47.87
CA VAL C 175 0.96 -24.12 -48.49
C VAL C 175 0.04 -23.04 -49.05
N GLU C 176 -0.92 -23.45 -49.88
CA GLU C 176 -1.94 -22.54 -50.39
C GLU C 176 -2.64 -21.76 -49.28
N LEU C 177 -3.05 -22.45 -48.22
CA LEU C 177 -3.63 -21.74 -47.07
C LEU C 177 -2.67 -20.74 -46.43
N TYR C 178 -1.44 -21.19 -46.19
CA TYR C 178 -0.44 -20.35 -45.59
C TYR C 178 -0.36 -19.04 -46.36
N TYR C 179 -0.19 -19.13 -47.68
CA TYR C 179 -0.06 -17.92 -48.49
C TYR C 179 -1.31 -17.07 -48.56
N HIS C 180 -2.47 -17.70 -48.52
CA HIS C 180 -3.71 -16.95 -48.56
C HIS C 180 -3.74 -16.12 -47.29
N LEU C 181 -3.45 -16.80 -46.17
CA LEU C 181 -3.38 -16.17 -44.86
C LEU C 181 -2.37 -15.05 -44.89
N LEU C 182 -1.21 -15.35 -45.44
CA LEU C 182 -0.12 -14.39 -45.48
C LEU C 182 -0.52 -13.09 -46.18
N SER C 183 -1.36 -13.17 -47.19
CA SER C 183 -1.80 -11.99 -47.94
C SER C 183 -3.10 -11.36 -47.43
N LYS C 184 -3.69 -11.93 -46.40
CA LYS C 184 -4.93 -11.40 -45.84
C LYS C 184 -4.63 -10.54 -44.63
N PHE C 185 -3.68 -10.98 -43.81
CA PHE C 185 -3.54 -10.39 -42.49
C PHE C 185 -2.09 -10.03 -42.15
N PRO C 186 -1.85 -8.75 -41.84
CA PRO C 186 -0.52 -8.31 -41.40
C PRO C 186 -0.14 -9.05 -40.12
N ASP C 187 0.96 -9.79 -40.15
CA ASP C 187 1.39 -10.54 -38.99
C ASP C 187 1.80 -9.62 -37.84
N PRO C 188 1.09 -9.68 -36.72
CA PRO C 188 1.38 -8.76 -35.64
C PRO C 188 2.82 -8.89 -35.16
N LEU C 189 3.37 -10.10 -35.16
CA LEU C 189 4.78 -10.31 -34.83
C LEU C 189 5.71 -9.58 -35.82
N VAL C 190 5.30 -9.46 -37.08
CA VAL C 190 6.08 -8.74 -38.06
C VAL C 190 6.01 -7.22 -37.81
N ILE C 191 4.84 -6.73 -37.38
CA ILE C 191 4.71 -5.31 -37.06
C ILE C 191 5.75 -4.91 -36.01
N ALA C 192 5.68 -5.54 -34.83
CA ALA C 192 6.61 -5.25 -33.73
C ALA C 192 8.08 -5.24 -34.17
N LYS C 193 8.45 -6.19 -35.02
CA LYS C 193 9.83 -6.28 -35.45
C LYS C 193 10.11 -5.20 -36.51
N GLY C 195 7.66 -3.09 -38.32
CA GLY C 195 6.79 -1.92 -38.44
C GLY C 195 5.54 -2.24 -39.21
N ARG C 196 4.52 -1.42 -39.03
CA ARG C 196 3.22 -1.68 -39.59
C ARG C 196 3.29 -1.75 -41.12
N GLU C 197 4.06 -0.84 -41.70
CA GLU C 197 4.16 -0.72 -43.16
C GLU C 197 4.84 -1.92 -43.79
N TYR C 198 5.99 -2.34 -43.26
CA TYR C 198 6.65 -3.55 -43.76
C TYR C 198 5.74 -4.78 -43.64
N ALA C 199 5.04 -4.88 -42.50
CA ALA C 199 4.04 -5.92 -42.32
C ALA C 199 2.94 -5.77 -43.39
N GLU C 200 2.50 -4.54 -43.62
CA GLU C 200 1.52 -4.29 -44.65
C GLU C 200 2.03 -4.75 -46.01
N LYS C 201 3.30 -4.46 -46.29
CA LYS C 201 3.90 -4.77 -47.59
C LYS C 201 3.94 -6.27 -47.86
N ILE C 202 4.28 -7.03 -46.82
CA ILE C 202 4.22 -8.49 -46.84
C ILE C 202 2.93 -9.04 -47.44
N THR C 203 1.78 -8.51 -47.01
CA THR C 203 0.52 -9.05 -47.49
C THR C 203 0.38 -8.74 -48.97
N GLU C 204 0.91 -7.58 -49.37
CA GLU C 204 0.88 -7.15 -50.78
C GLU C 204 1.85 -7.97 -51.59
N TRP C 205 3.04 -8.22 -51.05
CA TRP C 205 3.95 -9.16 -51.69
C TRP C 205 3.31 -10.52 -51.86
N ALA C 206 2.63 -10.96 -50.81
CA ALA C 206 2.02 -12.27 -50.75
C ALA C 206 0.90 -12.44 -51.77
N GLU C 207 -0.06 -11.52 -51.80
CA GLU C 207 -1.13 -11.65 -52.80
C GLU C 207 -0.53 -11.78 -54.20
N LYS C 208 0.42 -10.91 -54.51
CA LYS C 208 1.11 -10.89 -55.82
C LYS C 208 2.08 -12.04 -56.03
N ALA C 209 2.48 -12.71 -54.95
CA ALA C 209 3.39 -13.86 -55.05
C ALA C 209 2.55 -15.11 -55.16
N ARG C 210 2.41 -15.62 -56.37
CA ARG C 210 1.36 -16.60 -56.66
C ARG C 210 1.87 -17.92 -57.24
N THR C 211 3.09 -17.89 -57.78
CA THR C 211 3.77 -19.10 -58.27
C THR C 211 4.76 -19.66 -57.23
N GLU C 212 5.21 -20.90 -57.42
CA GLU C 212 6.20 -21.51 -56.53
C GLU C 212 7.53 -20.74 -56.42
N GLU C 213 8.07 -20.26 -57.56
CA GLU C 213 9.31 -19.48 -57.53
C GLU C 213 9.13 -18.07 -56.98
N GLU C 214 7.98 -17.46 -57.27
CA GLU C 214 7.63 -16.15 -56.70
C GLU C 214 7.59 -16.22 -55.18
N ARG C 215 7.03 -17.31 -54.66
CA ARG C 215 6.91 -17.53 -53.24
C ARG C 215 8.25 -17.92 -52.58
N LYS C 216 9.12 -18.60 -53.34
CA LYS C 216 10.46 -18.93 -52.86
C LYS C 216 11.30 -17.67 -52.74
N GLU C 217 11.12 -16.75 -53.67
CA GLU C 217 11.78 -15.46 -53.59
C GLU C 217 11.23 -14.70 -52.37
N LEU C 218 9.92 -14.58 -52.27
CA LEU C 218 9.28 -13.93 -51.11
C LEU C 218 9.80 -14.45 -49.75
N ASP C 219 9.94 -15.77 -49.63
CA ASP C 219 10.50 -16.40 -48.43
C ASP C 219 11.91 -15.90 -48.13
N GLU C 220 12.75 -15.91 -49.16
CA GLU C 220 14.13 -15.44 -49.06
C GLU C 220 14.19 -13.96 -48.71
N LYS C 221 13.25 -13.18 -49.24
CA LYS C 221 13.14 -11.77 -48.87
C LYS C 221 12.89 -11.62 -47.37
N LEU C 222 11.83 -12.29 -46.89
CA LEU C 222 11.53 -12.36 -45.46
C LEU C 222 12.74 -12.82 -44.63
N LEU C 223 13.36 -13.92 -45.03
CA LEU C 223 14.55 -14.44 -44.36
C LEU C 223 15.73 -13.47 -44.37
N LYS C 224 15.97 -12.79 -45.49
CA LYS C 224 17.02 -11.76 -45.61
C LYS C 224 16.73 -10.60 -44.66
N ASP C 225 15.51 -10.10 -44.70
CA ASP C 225 15.09 -9.01 -43.83
C ASP C 225 15.01 -9.45 -42.35
N GLY C 226 14.72 -10.72 -42.11
CA GLY C 226 14.58 -11.22 -40.75
C GLY C 226 13.17 -11.04 -40.19
N ALA C 227 12.17 -11.11 -41.07
CA ALA C 227 10.77 -11.01 -40.69
C ALA C 227 10.11 -12.38 -40.73
N ASN C 228 9.60 -12.82 -39.59
CA ASN C 228 9.04 -14.14 -39.42
C ASN C 228 7.52 -14.09 -39.22
N PRO C 229 6.76 -14.56 -40.22
CA PRO C 229 5.30 -14.48 -40.14
C PRO C 229 4.73 -15.59 -39.26
N GLY C 230 5.26 -15.69 -38.04
CA GLY C 230 4.84 -16.69 -37.06
C GLY C 230 3.35 -16.87 -36.74
N THR C 231 2.61 -15.75 -36.67
CA THR C 231 1.19 -15.80 -36.38
C THR C 231 0.42 -16.46 -37.52
N ILE C 232 0.88 -16.22 -38.76
CA ILE C 232 0.27 -16.80 -39.93
C ILE C 232 0.40 -18.35 -39.91
N ALA C 233 1.55 -18.81 -39.42
CA ALA C 233 1.84 -20.24 -39.19
C ALA C 233 1.01 -20.82 -38.08
N ASP C 234 0.82 -20.07 -36.99
CA ASP C 234 -0.08 -20.51 -35.89
C ASP C 234 -1.54 -20.66 -36.42
N LEU C 235 -2.00 -19.70 -37.22
CA LEU C 235 -3.34 -19.76 -37.81
C LEU C 235 -3.47 -20.90 -38.82
N THR C 236 -2.41 -21.15 -39.60
CA THR C 236 -2.35 -22.35 -40.43
C THR C 236 -2.49 -23.66 -39.60
N ALA C 237 -1.73 -23.77 -38.52
CA ALA C 237 -1.82 -24.95 -37.62
C ALA C 237 -3.23 -25.12 -37.02
N SER C 238 -3.80 -24.00 -36.63
CA SER C 238 -5.13 -23.94 -36.11
C SER C 238 -6.18 -24.51 -37.08
N SER C 239 -6.17 -24.00 -38.30
CA SER C 239 -7.02 -24.48 -39.39
C SER C 239 -6.86 -25.96 -39.67
N ILE C 240 -5.60 -26.40 -39.68
CA ILE C 240 -5.29 -27.82 -39.90
C ILE C 240 -6.09 -28.68 -38.90
N PHE C 241 -5.99 -28.30 -37.62
CA PHE C 241 -6.62 -29.08 -36.56
C PHE C 241 -8.14 -29.17 -36.70
N LEU C 242 -8.81 -28.05 -37.00
CA LEU C 242 -10.26 -28.05 -37.28
C LEU C 242 -10.62 -28.83 -38.52
N ALA C 243 -9.76 -28.77 -39.53
CA ALA C 243 -9.99 -29.51 -40.78
C ALA C 243 -9.87 -31.03 -40.58
N LEU C 244 -8.84 -31.45 -39.84
CA LEU C 244 -8.65 -32.84 -39.42
C LEU C 244 -9.85 -33.30 -38.62
N ALA C 245 -10.25 -32.47 -37.68
CA ALA C 245 -11.42 -32.71 -36.86
C ALA C 245 -12.66 -32.83 -37.75
N GLU C 246 -12.74 -31.99 -38.77
CA GLU C 246 -13.89 -32.01 -39.68
C GLU C 246 -13.92 -33.28 -40.50
N GLY C 247 -12.75 -33.82 -40.80
CA GLY C 247 -12.64 -34.95 -41.70
C GLY C 247 -12.06 -34.43 -42.99
N TRP C 248 -10.74 -34.43 -43.06
CA TRP C 248 -10.00 -33.84 -44.16
C TRP C 248 -9.44 -34.92 -45.07
N ARG C 249 -10.25 -35.34 -46.03
CA ARG C 249 -9.83 -36.39 -46.98
C ARG C 249 -9.75 -35.83 -48.40
#